data_7CBI
#
_entry.id   7CBI
#
_cell.length_a   86.077
_cell.length_b   101.162
_cell.length_c   103.548
_cell.angle_alpha   90.00
_cell.angle_beta   90.00
_cell.angle_gamma   90.00
#
_symmetry.space_group_name_H-M   'P 21 21 21'
#
loop_
_entity.id
_entity.type
_entity.pdbx_description
1 polymer 'Threonine--tRNA ligase'
2 non-polymer 'ZINC ION'
3 non-polymer '5-(7-bromanyl-6-chloranyl-4-oxidanylidene-quinazolin-3-yl)pentyl (2~{S},3~{R})-2-azanyl-3-oxidanyl-butanoate'
4 non-polymer 1,2-ETHANEDIOL
5 non-polymer GLYCEROL
6 water water
#
_entity_poly.entity_id   1
_entity_poly.type   'polypeptide(L)'
_entity_poly.pdbx_seq_one_letter_code
;MGRDHRKIGKQLDLYHMQEEAPGMVFWHNDGWTIFRELEVFVRSKLKEYQYQEVKGPFMMDRVLWEKTGHWDNYKDAMFT
TSSENREYCIKPMNCPGHVQIFNQGLKSYRDLPLRMAEFGSCHRNEPSGALHGLMRVRGFTQDDAHIFCTEEQIRDEVNA
CIRMVYDMYSTFGFEKIVVKLSTRPDKRIGSDEMWDRAEADLAVALEENNIPFEYQLGEGAFYGPKIEFTLYDCLDRAWQ
CGTVQLDFSLPSRLSASYVGEDNERKVPVMIHRAILGSMERFIGILTEEFAGFFPTWLAPVQVVVMNITDSQSEYVNELT
QKLQNAGIRVKADLRNEKIGFKIREHTLRRVPYMLVCGDKEVEAGKVAVRTRRGKDLGSLDVNDVIEKLQQEIRSRSLQQ
LEELEHHHHHH
;
_entity_poly.pdbx_strand_id   A,B
#
# COMPACT_ATOMS: atom_id res chain seq x y z
N GLY A 2 18.63 20.48 -12.68
CA GLY A 2 18.76 20.98 -11.27
C GLY A 2 18.57 19.88 -10.26
N ARG A 3 18.76 20.20 -8.98
CA ARG A 3 18.62 19.22 -7.89
C ARG A 3 17.76 19.73 -6.73
N ASP A 4 16.76 20.56 -7.03
CA ASP A 4 15.79 21.01 -6.03
C ASP A 4 14.55 20.13 -6.21
N HIS A 5 14.27 19.27 -5.22
CA HIS A 5 13.16 18.32 -5.32
C HIS A 5 11.80 19.02 -5.41
N ARG A 6 11.72 20.25 -4.91
CA ARG A 6 10.46 20.99 -4.95
C ARG A 6 10.16 21.49 -6.36
N LYS A 7 11.20 21.95 -7.06
CA LYS A 7 11.07 22.35 -8.46
C LYS A 7 10.83 21.12 -9.34
N ILE A 8 11.64 20.08 -9.13
CA ILE A 8 11.51 18.84 -9.92
C ILE A 8 10.12 18.21 -9.70
N GLY A 9 9.66 18.23 -8.44
CA GLY A 9 8.34 17.70 -8.11
C GLY A 9 7.20 18.34 -8.88
N LYS A 10 7.29 19.66 -9.07
CA LYS A 10 6.34 20.39 -9.91
C LYS A 10 6.52 20.03 -11.39
N GLN A 11 7.77 20.05 -11.84
CA GLN A 11 8.08 19.82 -13.27
C GLN A 11 7.63 18.44 -13.78
N LEU A 12 7.81 17.41 -12.95
CA LEU A 12 7.46 16.05 -13.32
C LEU A 12 6.10 15.60 -12.77
N ASP A 13 5.35 16.53 -12.20
CA ASP A 13 3.98 16.29 -11.76
C ASP A 13 3.92 15.18 -10.72
N LEU A 14 4.82 15.24 -9.75
CA LEU A 14 4.91 14.18 -8.74
C LEU A 14 3.97 14.40 -7.57
N TYR A 15 3.92 15.63 -7.07
CA TYR A 15 3.13 15.97 -5.90
C TYR A 15 2.87 17.47 -5.86
N HIS A 16 2.02 17.88 -4.94
CA HIS A 16 1.95 19.28 -4.53
C HIS A 16 1.53 19.38 -3.08
N MET A 17 1.64 20.61 -2.57
CA MET A 17 1.29 20.94 -1.19
C MET A 17 0.34 22.13 -1.24
N GLN A 18 -0.48 22.25 -0.19
CA GLN A 18 -1.39 23.38 -0.02
C GLN A 18 -1.48 23.79 1.43
N GLU A 19 -1.80 25.07 1.65
CA GLU A 19 -1.96 25.59 3.00
C GLU A 19 -3.17 25.03 3.75
N GLU A 20 -4.15 24.47 3.02
CA GLU A 20 -5.28 23.76 3.64
C GLU A 20 -4.84 22.50 4.42
N ALA A 21 -3.67 21.95 4.10
CA ALA A 21 -3.13 20.75 4.77
C ALA A 21 -1.61 20.87 4.94
N PRO A 22 -1.18 21.71 5.89
CA PRO A 22 0.26 21.96 6.01
C PRO A 22 1.07 20.69 6.21
N GLY A 23 2.10 20.52 5.39
CA GLY A 23 3.01 19.37 5.52
C GLY A 23 2.37 18.03 5.27
N MET A 24 1.28 17.98 4.51
CA MET A 24 0.66 16.71 4.15
C MET A 24 0.57 16.67 2.64
N VAL A 25 1.22 15.66 2.06
CA VAL A 25 1.50 15.63 0.64
C VAL A 25 0.28 15.18 -0.16
N PHE A 26 0.00 15.89 -1.25
CA PHE A 26 -0.93 15.40 -2.26
C PHE A 26 -0.06 14.69 -3.30
N TRP A 27 -0.09 13.36 -3.30
CA TRP A 27 0.66 12.58 -4.27
C TRP A 27 -0.12 12.44 -5.56
N HIS A 28 0.43 12.99 -6.64
CA HIS A 28 -0.16 12.83 -7.97
C HIS A 28 0.20 11.45 -8.48
N ASN A 29 -0.40 11.06 -9.59
CA ASN A 29 -0.22 9.72 -10.12
C ASN A 29 1.25 9.34 -10.21
N ASP A 30 2.04 10.20 -10.83
CA ASP A 30 3.44 9.86 -11.09
C ASP A 30 4.29 9.79 -9.81
N GLY A 31 4.05 10.69 -8.85
CA GLY A 31 4.73 10.61 -7.57
C GLY A 31 4.33 9.39 -6.78
N TRP A 32 3.02 9.08 -6.80
CA TRP A 32 2.50 7.91 -6.10
C TRP A 32 3.05 6.59 -6.70
N THR A 33 3.32 6.58 -8.01
CA THR A 33 3.96 5.44 -8.64
C THR A 33 5.35 5.18 -8.05
N ILE A 34 6.11 6.24 -7.84
CA ILE A 34 7.43 6.16 -7.23
C ILE A 34 7.30 5.63 -5.80
N PHE A 35 6.38 6.22 -5.05
CA PHE A 35 6.14 5.79 -3.66
C PHE A 35 5.80 4.30 -3.63
N ARG A 36 4.88 3.89 -4.48
CA ARG A 36 4.45 2.49 -4.52
C ARG A 36 5.57 1.55 -4.92
N GLU A 37 6.42 1.96 -5.86
CA GLU A 37 7.57 1.15 -6.25
CA GLU A 37 7.57 1.14 -6.25
C GLU A 37 8.59 1.04 -5.11
N LEU A 38 8.75 2.13 -4.36
CA LEU A 38 9.62 2.08 -3.18
C LEU A 38 9.08 1.09 -2.15
N GLU A 39 7.76 1.08 -1.95
CA GLU A 39 7.12 0.08 -1.06
C GLU A 39 7.40 -1.35 -1.52
N VAL A 40 7.23 -1.58 -2.82
CA VAL A 40 7.48 -2.91 -3.40
C VAL A 40 8.93 -3.32 -3.11
N PHE A 41 9.87 -2.41 -3.29
CA PHE A 41 11.29 -2.69 -2.98
C PHE A 41 11.47 -3.05 -1.51
N VAL A 42 10.95 -2.23 -0.62
CA VAL A 42 11.08 -2.52 0.81
C VAL A 42 10.46 -3.87 1.14
N ARG A 43 9.29 -4.16 0.57
CA ARG A 43 8.63 -5.46 0.81
C ARG A 43 9.47 -6.64 0.37
N SER A 44 10.21 -6.48 -0.73
CA SER A 44 11.11 -7.54 -1.17
C SER A 44 12.18 -7.82 -0.12
N LYS A 45 12.64 -6.77 0.56
CA LYS A 45 13.60 -6.93 1.64
C LYS A 45 12.95 -7.48 2.91
N LEU A 46 11.72 -7.08 3.20
CA LEU A 46 10.97 -7.70 4.31
C LEU A 46 10.89 -9.22 4.15
N LYS A 47 10.65 -9.68 2.92
CA LYS A 47 10.62 -11.11 2.64
C LYS A 47 12.00 -11.76 2.83
N GLU A 48 13.02 -11.15 2.26
CA GLU A 48 14.40 -11.66 2.35
C GLU A 48 14.94 -11.71 3.77
N TYR A 49 14.48 -10.81 4.64
CA TYR A 49 14.97 -10.72 6.03
C TYR A 49 13.95 -11.23 7.06
N GLN A 50 12.91 -11.95 6.59
CA GLN A 50 11.95 -12.66 7.45
C GLN A 50 11.19 -11.75 8.40
N TYR A 51 10.57 -10.73 7.83
CA TYR A 51 9.69 -9.84 8.57
C TYR A 51 8.24 -10.18 8.25
N GLN A 52 7.40 -10.11 9.28
CA GLN A 52 5.97 -9.99 9.09
C GLN A 52 5.67 -8.57 8.66
N GLU A 53 4.52 -8.37 8.04
CA GLU A 53 4.03 -7.01 7.77
C GLU A 53 2.62 -6.88 8.30
N VAL A 54 2.38 -5.79 9.03
CA VAL A 54 1.11 -5.54 9.70
C VAL A 54 0.62 -4.15 9.35
N LYS A 55 -0.56 -3.79 9.84
CA LYS A 55 -1.10 -2.46 9.69
C LYS A 55 -1.95 -2.13 10.90
N GLY A 56 -1.67 -0.99 11.52
CA GLY A 56 -2.39 -0.55 12.72
C GLY A 56 -3.27 0.64 12.43
N PRO A 57 -4.19 0.97 13.35
CA PRO A 57 -5.05 2.13 13.15
C PRO A 57 -4.34 3.46 13.30
N PHE A 58 -5.01 4.51 12.83
CA PHE A 58 -4.48 5.87 12.89
C PHE A 58 -4.57 6.48 14.26
N MET A 59 -5.48 6.02 15.09
CA MET A 59 -5.60 6.61 16.42
C MET A 59 -5.83 5.57 17.49
N MET A 60 -5.41 5.94 18.69
CA MET A 60 -5.59 5.13 19.89
C MET A 60 -5.76 6.08 21.07
N ASP A 61 -6.44 5.58 22.10
CA ASP A 61 -6.78 6.36 23.28
C ASP A 61 -5.53 6.98 23.89
N ARG A 62 -5.61 8.26 24.23
CA ARG A 62 -4.56 8.95 24.96
C ARG A 62 -4.15 8.18 26.23
N VAL A 63 -5.11 7.53 26.87
CA VAL A 63 -4.86 6.71 28.08
C VAL A 63 -3.73 5.69 27.84
N LEU A 64 -3.76 5.03 26.69
CA LEU A 64 -2.73 4.05 26.32
C LEU A 64 -1.40 4.74 26.05
N TRP A 65 -1.42 5.86 25.33
CA TRP A 65 -0.19 6.63 25.09
C TRP A 65 0.46 7.14 26.38
N GLU A 66 -0.35 7.49 27.37
CA GLU A 66 0.16 7.89 28.69
C GLU A 66 1.02 6.81 29.35
N LYS A 67 0.72 5.54 29.08
CA LYS A 67 1.46 4.41 29.63
C LYS A 67 2.82 4.14 29.00
N THR A 68 3.08 4.69 27.81
CA THR A 68 4.29 4.37 27.06
C THR A 68 5.56 5.04 27.60
N GLY A 69 5.40 6.12 28.37
CA GLY A 69 6.55 6.92 28.80
C GLY A 69 6.98 7.97 27.79
N HIS A 70 6.19 8.15 26.72
CA HIS A 70 6.45 9.17 25.69
C HIS A 70 5.55 10.40 25.80
N TRP A 71 4.53 10.34 26.67
CA TRP A 71 3.49 11.39 26.71
C TRP A 71 4.02 12.76 27.12
N ASP A 72 4.64 12.84 28.29
CA ASP A 72 5.19 14.10 28.80
C ASP A 72 6.20 14.73 27.83
N ASN A 73 7.04 13.88 27.25
CA ASN A 73 8.07 14.32 26.30
C ASN A 73 7.49 14.97 25.03
N TYR A 74 6.41 14.39 24.50
CA TYR A 74 5.94 14.71 23.14
C TYR A 74 4.46 15.08 22.98
N LYS A 75 3.77 15.39 24.08
CA LYS A 75 2.35 15.78 24.04
C LYS A 75 2.07 16.99 23.13
N ASP A 76 2.99 17.95 23.10
CA ASP A 76 2.82 19.18 22.31
C ASP A 76 2.89 18.96 20.80
N ALA A 77 3.56 17.88 20.37
CA ALA A 77 3.69 17.56 18.95
C ALA A 77 2.66 16.52 18.47
N MET A 78 1.77 16.07 19.34
CA MET A 78 0.75 15.08 18.95
C MET A 78 -0.56 15.76 18.58
N PHE A 79 -1.17 15.32 17.48
CA PHE A 79 -2.54 15.70 17.14
C PHE A 79 -3.48 14.84 17.98
N THR A 80 -4.50 15.47 18.56
CA THR A 80 -5.52 14.75 19.31
C THR A 80 -6.90 15.05 18.77
N THR A 81 -7.81 14.09 18.97
CA THR A 81 -9.19 14.24 18.56
C THR A 81 -10.07 13.48 19.55
N SER A 82 -11.27 13.96 19.79
CA SER A 82 -12.15 13.39 20.81
C SER A 82 -13.45 12.83 20.26
N SER A 83 -13.97 11.84 20.98
CA SER A 83 -15.27 11.26 20.68
C SER A 83 -15.83 10.66 21.96
N GLU A 84 -17.08 11.00 22.26
CA GLU A 84 -17.80 10.40 23.38
C GLU A 84 -17.00 10.45 24.68
N ASN A 85 -16.43 11.63 24.96
CA ASN A 85 -15.69 11.91 26.19
C ASN A 85 -14.32 11.25 26.31
N ARG A 86 -13.84 10.63 25.23
CA ARG A 86 -12.53 10.00 25.20
C ARG A 86 -11.66 10.78 24.23
N GLU A 87 -10.39 10.92 24.57
CA GLU A 87 -9.44 11.64 23.73
C GLU A 87 -8.50 10.63 23.07
N TYR A 88 -8.32 10.78 21.76
CA TYR A 88 -7.47 9.89 20.99
C TYR A 88 -6.30 10.64 20.42
N CYS A 89 -5.17 9.97 20.36
CA CYS A 89 -3.97 10.51 19.69
CA CYS A 89 -3.97 10.49 19.72
C CYS A 89 -3.88 9.95 18.29
N ILE A 90 -3.61 10.82 17.33
CA ILE A 90 -3.28 10.38 15.97
C ILE A 90 -1.83 9.91 16.08
N LYS A 91 -1.54 8.68 15.66
CA LYS A 91 -0.25 8.06 16.02
C LYS A 91 0.93 8.82 15.41
N PRO A 92 1.93 9.17 16.22
CA PRO A 92 3.19 9.71 15.71
C PRO A 92 4.27 8.65 15.53
N MET A 93 4.00 7.44 16.01
CA MET A 93 4.93 6.31 15.93
CA MET A 93 4.92 6.31 15.94
C MET A 93 4.10 5.03 15.94
N ASN A 94 4.70 3.95 15.50
CA ASN A 94 4.01 2.66 15.36
C ASN A 94 4.29 1.65 16.46
N CYS A 95 5.23 1.95 17.35
CA CYS A 95 5.71 0.98 18.34
C CYS A 95 4.58 0.48 19.27
N PRO A 96 3.82 1.41 19.87
CA PRO A 96 2.79 0.93 20.79
C PRO A 96 1.74 0.04 20.13
N GLY A 97 1.38 0.35 18.89
CA GLY A 97 0.49 -0.48 18.10
C GLY A 97 1.03 -1.88 17.83
N HIS A 98 2.32 -1.95 17.52
CA HIS A 98 2.98 -3.23 17.33
C HIS A 98 2.97 -4.06 18.59
N VAL A 99 3.15 -3.42 19.73
CA VAL A 99 3.07 -4.11 21.01
C VAL A 99 1.64 -4.62 21.21
N GLN A 100 0.63 -3.82 20.85
CA GLN A 100 -0.76 -4.30 20.93
C GLN A 100 -0.99 -5.58 20.14
N ILE A 101 -0.40 -5.66 18.94
CA ILE A 101 -0.49 -6.87 18.12
C ILE A 101 0.25 -8.03 18.77
N PHE A 102 1.45 -7.76 19.28
CA PHE A 102 2.22 -8.76 20.04
C PHE A 102 1.41 -9.33 21.20
N ASN A 103 0.69 -8.44 21.91
CA ASN A 103 -0.10 -8.82 23.10
C ASN A 103 -1.34 -9.68 22.83
N GLN A 104 -1.72 -9.84 21.55
CA GLN A 104 -2.79 -10.74 21.16
C GLN A 104 -2.30 -12.17 21.01
N GLY A 105 -2.78 -13.05 21.88
CA GLY A 105 -2.36 -14.44 21.88
C GLY A 105 -1.13 -14.63 22.73
N LEU A 106 -1.10 -15.73 23.47
CA LEU A 106 0.05 -16.09 24.30
C LEU A 106 1.28 -16.31 23.42
N LYS A 107 2.37 -15.64 23.76
CA LYS A 107 3.62 -15.80 23.02
C LYS A 107 4.57 -16.71 23.77
N SER A 108 5.38 -17.41 23.00
CA SER A 108 6.36 -18.35 23.51
C SER A 108 7.73 -17.90 23.05
N TYR A 109 8.76 -18.37 23.74
CA TYR A 109 10.15 -18.18 23.28
C TYR A 109 10.34 -18.69 21.84
N ARG A 110 9.59 -19.74 21.45
CA ARG A 110 9.61 -20.27 20.08
C ARG A 110 9.18 -19.28 18.98
N ASP A 111 8.39 -18.27 19.37
CA ASP A 111 7.95 -17.21 18.46
C ASP A 111 9.01 -16.10 18.25
N LEU A 112 10.09 -16.13 19.03
CA LEU A 112 11.14 -15.11 18.99
C LEU A 112 12.37 -15.56 18.19
N PRO A 113 13.03 -14.65 17.46
CA PRO A 113 12.65 -13.24 17.32
C PRO A 113 11.42 -13.05 16.43
N LEU A 114 10.55 -12.14 16.85
CA LEU A 114 9.33 -11.82 16.12
C LEU A 114 9.57 -10.45 15.48
N ARG A 115 9.59 -10.42 14.14
CA ARG A 115 9.95 -9.22 13.38
C ARG A 115 8.69 -8.68 12.72
N MET A 116 8.30 -7.46 13.10
CA MET A 116 7.01 -6.90 12.71
C MET A 116 7.22 -5.55 12.03
N ALA A 117 7.02 -5.51 10.71
CA ALA A 117 7.18 -4.28 9.91
C ALA A 117 5.84 -3.65 9.55
N GLU A 118 5.87 -2.34 9.33
CA GLU A 118 4.68 -1.60 8.88
C GLU A 118 5.14 -0.38 8.13
N PHE A 119 4.46 -0.07 7.03
CA PHE A 119 4.57 1.25 6.43
C PHE A 119 3.61 2.14 7.19
N GLY A 120 4.11 2.71 8.28
CA GLY A 120 3.27 3.31 9.29
C GLY A 120 2.96 4.75 9.00
N SER A 121 1.69 5.05 8.76
CA SER A 121 1.22 6.40 8.46
C SER A 121 1.14 7.18 9.77
N CYS A 122 2.09 8.09 9.96
CA CYS A 122 2.25 8.82 11.22
C CYS A 122 2.07 10.31 11.00
N HIS A 123 1.68 11.00 12.08
CA HIS A 123 1.52 12.46 12.03
C HIS A 123 2.15 13.10 13.25
N ARG A 124 2.85 14.21 13.01
CA ARG A 124 3.38 15.05 14.08
C ARG A 124 2.95 16.48 13.81
N ASN A 125 2.54 17.17 14.88
CA ASN A 125 2.13 18.57 14.75
C ASN A 125 3.37 19.46 14.78
N GLU A 126 4.12 19.42 13.70
CA GLU A 126 5.35 20.19 13.56
C GLU A 126 5.00 21.64 13.27
N PRO A 127 5.79 22.60 13.81
CA PRO A 127 5.48 24.01 13.52
C PRO A 127 5.46 24.28 12.02
N SER A 128 4.44 25.02 11.57
CA SER A 128 4.23 25.28 10.15
C SER A 128 5.44 25.97 9.53
N GLY A 129 6.08 26.87 10.28
CA GLY A 129 7.29 27.55 9.83
C GLY A 129 8.52 26.72 9.54
N ALA A 130 8.58 25.51 10.09
CA ALA A 130 9.69 24.59 9.89
C ALA A 130 9.45 23.55 8.79
N LEU A 131 8.29 23.60 8.14
CA LEU A 131 7.98 22.63 7.08
C LEU A 131 8.73 22.96 5.79
N HIS A 132 9.09 21.93 5.04
CA HIS A 132 9.88 22.10 3.84
C HIS A 132 9.71 20.92 2.90
N GLY A 133 8.96 21.14 1.82
CA GLY A 133 8.82 20.15 0.76
C GLY A 133 8.45 18.77 1.27
N LEU A 134 9.13 17.76 0.75
CA LEU A 134 8.98 16.38 1.21
C LEU A 134 9.87 16.02 2.39
N MET A 135 10.78 16.91 2.77
CA MET A 135 11.82 16.56 3.73
CA MET A 135 11.86 16.63 3.74
C MET A 135 11.42 16.82 5.18
N ARG A 136 10.65 17.88 5.42
CA ARG A 136 10.11 18.21 6.73
C ARG A 136 8.60 18.38 6.58
N VAL A 137 7.87 17.36 7.05
CA VAL A 137 6.43 17.23 6.83
C VAL A 137 5.74 17.00 8.17
N ARG A 138 4.41 17.04 8.13
CA ARG A 138 3.58 16.64 9.27
C ARG A 138 3.11 15.20 9.14
N GLY A 139 2.73 14.80 7.93
CA GLY A 139 2.27 13.42 7.66
C GLY A 139 3.35 12.64 6.94
N PHE A 140 3.83 11.56 7.55
CA PHE A 140 4.94 10.79 6.99
C PHE A 140 4.70 9.30 7.16
N THR A 141 5.44 8.51 6.39
CA THR A 141 5.34 7.07 6.36
C THR A 141 6.75 6.53 6.56
N GLN A 142 6.99 5.81 7.64
CA GLN A 142 8.31 5.21 7.87
C GLN A 142 8.32 3.78 7.40
N ASP A 143 9.47 3.32 6.92
CA ASP A 143 9.74 1.90 6.69
C ASP A 143 10.10 1.27 8.04
N ASP A 144 9.11 1.21 8.92
CA ASP A 144 9.31 0.88 10.32
C ASP A 144 9.23 -0.62 10.57
N ALA A 145 9.93 -1.05 11.62
CA ALA A 145 9.71 -2.37 12.17
C ALA A 145 10.14 -2.44 13.60
N HIS A 146 9.54 -3.36 14.34
CA HIS A 146 9.96 -3.68 15.69
C HIS A 146 10.22 -5.16 15.78
N ILE A 147 11.37 -5.48 16.37
CA ILE A 147 11.76 -6.86 16.57
C ILE A 147 11.65 -7.13 18.07
N PHE A 148 10.89 -8.17 18.43
CA PHE A 148 10.76 -8.65 19.80
C PHE A 148 11.67 -9.86 19.95
N CYS A 149 12.58 -9.83 20.91
CA CYS A 149 13.56 -10.92 21.04
C CYS A 149 14.09 -11.05 22.47
N THR A 150 14.86 -12.11 22.68
CA THR A 150 15.49 -12.33 23.96
C THR A 150 16.76 -11.51 24.02
N GLU A 151 17.30 -11.34 25.22
CA GLU A 151 18.59 -10.66 25.39
C GLU A 151 19.69 -11.31 24.56
N GLU A 152 19.66 -12.64 24.53
CA GLU A 152 20.68 -13.45 23.85
C GLU A 152 20.62 -13.34 22.32
N GLN A 153 19.45 -12.95 21.80
CA GLN A 153 19.24 -12.75 20.36
C GLN A 153 19.58 -11.36 19.82
N ILE A 154 19.80 -10.37 20.70
CA ILE A 154 20.02 -8.98 20.27
C ILE A 154 21.13 -8.84 19.23
N ARG A 155 22.30 -9.42 19.51
CA ARG A 155 23.44 -9.27 18.61
C ARG A 155 23.16 -9.72 17.18
N ASP A 156 22.65 -10.94 17.04
CA ASP A 156 22.31 -11.47 15.73
C ASP A 156 21.25 -10.64 15.01
N GLU A 157 20.25 -10.18 15.76
CA GLU A 157 19.19 -9.34 15.18
C GLU A 157 19.70 -7.97 14.75
N VAL A 158 20.56 -7.36 15.57
CA VAL A 158 21.19 -6.11 15.18
C VAL A 158 22.09 -6.33 13.96
N ASN A 159 22.85 -7.43 13.95
CA ASN A 159 23.67 -7.79 12.80
C ASN A 159 22.84 -7.81 11.51
N ALA A 160 21.68 -8.44 11.54
CA ALA A 160 20.81 -8.52 10.36
C ALA A 160 20.31 -7.13 9.94
N CYS A 161 19.96 -6.29 10.90
CA CYS A 161 19.52 -4.92 10.58
C CYS A 161 20.62 -4.15 9.89
N ILE A 162 21.84 -4.27 10.37
CA ILE A 162 22.99 -3.59 9.75
C ILE A 162 23.17 -4.05 8.31
N ARG A 163 23.10 -5.35 8.07
CA ARG A 163 23.20 -5.86 6.70
C ARG A 163 22.11 -5.27 5.81
N MET A 164 20.91 -5.19 6.36
CA MET A 164 19.75 -4.65 5.65
CA MET A 164 19.76 -4.66 5.64
C MET A 164 19.97 -3.20 5.24
N VAL A 165 20.57 -2.40 6.15
CA VAL A 165 20.85 -0.99 5.88
C VAL A 165 21.72 -0.85 4.64
N TYR A 166 22.86 -1.53 4.64
CA TYR A 166 23.84 -1.40 3.56
C TYR A 166 23.33 -1.96 2.24
N ASP A 167 22.64 -3.09 2.34
CA ASP A 167 21.96 -3.74 1.22
C ASP A 167 21.02 -2.72 0.52
N MET A 168 20.16 -2.09 1.32
CA MET A 168 19.17 -1.16 0.78
C MET A 168 19.79 0.14 0.25
N TYR A 169 20.72 0.73 0.99
CA TYR A 169 21.37 1.96 0.53
C TYR A 169 22.14 1.74 -0.77
N SER A 170 22.79 0.58 -0.92
CA SER A 170 23.53 0.23 -2.13
C SER A 170 22.66 0.24 -3.39
N THR A 171 21.40 -0.20 -3.26
CA THR A 171 20.46 -0.16 -4.39
C THR A 171 20.35 1.22 -5.05
N PHE A 172 20.40 2.28 -4.23
CA PHE A 172 20.25 3.66 -4.70
C PHE A 172 21.57 4.37 -5.04
N GLY A 173 22.68 3.65 -4.92
CA GLY A 173 24.01 4.18 -5.19
C GLY A 173 24.70 4.89 -4.02
N PHE A 174 24.20 4.66 -2.80
CA PHE A 174 24.78 5.27 -1.61
C PHE A 174 25.72 4.29 -0.94
N GLU A 175 27.02 4.53 -1.13
CA GLU A 175 28.09 3.71 -0.58
C GLU A 175 28.89 4.41 0.53
N LYS A 176 28.81 5.74 0.62
CA LYS A 176 29.46 6.49 1.69
C LYS A 176 28.49 6.68 2.86
N ILE A 177 28.74 5.93 3.93
CA ILE A 177 27.83 5.86 5.08
C ILE A 177 28.63 6.10 6.35
N VAL A 178 28.18 7.04 7.17
CA VAL A 178 28.76 7.30 8.49
C VAL A 178 27.87 6.67 9.56
N VAL A 179 28.49 6.05 10.56
CA VAL A 179 27.78 5.28 11.57
C VAL A 179 28.15 5.82 12.94
N LYS A 180 27.13 6.08 13.76
CA LYS A 180 27.33 6.63 15.09
C LYS A 180 26.55 5.80 16.10
N LEU A 181 27.22 5.44 17.19
CA LEU A 181 26.61 4.67 18.28
C LEU A 181 26.42 5.64 19.44
N SER A 182 25.17 5.85 19.83
CA SER A 182 24.83 6.79 20.91
C SER A 182 24.76 6.05 22.24
N THR A 183 25.55 6.51 23.21
CA THR A 183 25.72 5.81 24.48
C THR A 183 24.86 6.39 25.61
N ARG A 184 24.90 5.73 26.77
CA ARG A 184 24.03 6.02 27.91
C ARG A 184 23.93 7.51 28.25
N PRO A 185 22.69 8.04 28.29
CA PRO A 185 22.48 9.43 28.72
C PRO A 185 22.45 9.53 30.24
N ASP A 186 22.51 10.75 30.76
CA ASP A 186 22.51 10.95 32.22
C ASP A 186 21.22 10.46 32.87
N LYS A 187 20.08 10.78 32.26
CA LYS A 187 18.77 10.30 32.72
C LYS A 187 18.39 9.07 31.90
N ARG A 188 18.32 7.91 32.56
CA ARG A 188 18.04 6.64 31.87
C ARG A 188 17.34 5.63 32.77
N ILE A 189 16.71 4.64 32.14
CA ILE A 189 16.17 3.47 32.85
C ILE A 189 17.10 2.27 32.65
N GLY A 190 16.94 1.28 33.51
CA GLY A 190 17.78 0.07 33.51
C GLY A 190 19.07 0.27 34.27
N SER A 191 19.69 -0.85 34.66
CA SER A 191 20.96 -0.83 35.39
C SER A 191 22.14 -0.48 34.48
N ASP A 192 23.26 -0.11 35.08
CA ASP A 192 24.51 0.13 34.34
C ASP A 192 24.99 -1.11 33.58
N GLU A 193 24.74 -2.29 34.16
CA GLU A 193 25.14 -3.56 33.54
C GLU A 193 24.32 -3.83 32.28
N MET A 194 23.03 -3.51 32.32
CA MET A 194 22.18 -3.61 31.14
CA MET A 194 22.18 -3.62 31.13
C MET A 194 22.74 -2.74 30.00
N TRP A 195 23.16 -1.52 30.35
CA TRP A 195 23.77 -0.58 29.38
C TRP A 195 25.12 -1.05 28.84
N ASP A 196 25.96 -1.60 29.72
CA ASP A 196 27.23 -2.21 29.31
C ASP A 196 27.00 -3.27 28.22
N ARG A 197 26.10 -4.20 28.52
CA ARG A 197 25.76 -5.29 27.60
C ARG A 197 25.12 -4.76 26.31
N ALA A 198 24.22 -3.80 26.43
CA ALA A 198 23.48 -3.27 25.27
C ALA A 198 24.41 -2.48 24.33
N GLU A 199 25.23 -1.61 24.88
CA GLU A 199 26.23 -0.90 24.07
C GLU A 199 27.21 -1.86 23.39
N ALA A 200 27.64 -2.87 24.13
CA ALA A 200 28.53 -3.90 23.60
C ALA A 200 27.89 -4.73 22.48
N ASP A 201 26.60 -5.04 22.62
CA ASP A 201 25.88 -5.76 21.56
C ASP A 201 25.86 -4.97 20.25
N LEU A 202 25.58 -3.67 20.35
CA LEU A 202 25.58 -2.81 19.15
C LEU A 202 26.98 -2.73 18.53
N ALA A 203 28.00 -2.56 19.38
CA ALA A 203 29.38 -2.45 18.90
C ALA A 203 29.84 -3.76 18.25
N VAL A 204 29.57 -4.90 18.90
CA VAL A 204 29.94 -6.22 18.34
C VAL A 204 29.24 -6.49 17.01
N ALA A 205 27.94 -6.19 16.91
CA ALA A 205 27.21 -6.37 15.66
C ALA A 205 27.84 -5.54 14.52
N LEU A 206 28.28 -4.33 14.82
CA LEU A 206 28.98 -3.49 13.82
C LEU A 206 30.33 -4.11 13.42
N GLU A 207 31.08 -4.59 14.41
CA GLU A 207 32.37 -5.26 14.16
C GLU A 207 32.18 -6.49 13.29
N GLU A 208 31.11 -7.24 13.54
CA GLU A 208 30.80 -8.45 12.78
C GLU A 208 30.47 -8.19 11.30
N ASN A 209 30.08 -6.96 10.97
CA ASN A 209 29.88 -6.54 9.58
C ASN A 209 31.04 -5.70 9.04
N ASN A 210 32.15 -5.70 9.77
CA ASN A 210 33.35 -4.95 9.41
C ASN A 210 33.08 -3.46 9.20
N ILE A 211 32.32 -2.87 10.13
CA ILE A 211 31.89 -1.48 10.02
C ILE A 211 32.60 -0.61 11.05
N PRO A 212 33.49 0.30 10.59
CA PRO A 212 34.00 1.31 11.50
C PRO A 212 32.91 2.31 11.87
N PHE A 213 32.96 2.81 13.10
CA PHE A 213 31.99 3.79 13.57
C PHE A 213 32.61 4.74 14.58
N GLU A 214 31.80 5.66 15.09
CA GLU A 214 32.20 6.55 16.16
C GLU A 214 31.09 6.65 17.19
N TYR A 215 31.45 7.05 18.41
CA TYR A 215 30.45 7.28 19.44
C TYR A 215 29.86 8.68 19.36
N GLN A 216 28.58 8.77 19.76
CA GLN A 216 27.94 10.02 20.16
C GLN A 216 27.68 9.87 21.64
N LEU A 217 28.62 10.36 22.43
CA LEU A 217 28.64 10.06 23.85
C LEU A 217 27.47 10.73 24.58
N GLY A 218 26.73 9.93 25.35
CA GLY A 218 25.61 10.42 26.14
C GLY A 218 24.34 10.80 25.39
N GLU A 219 24.25 10.44 24.11
CA GLU A 219 23.11 10.85 23.28
C GLU A 219 22.09 9.73 23.07
N GLY A 220 22.28 8.59 23.73
CA GLY A 220 21.31 7.50 23.70
C GLY A 220 19.98 7.91 24.31
N ALA A 221 18.94 7.15 23.99
CA ALA A 221 17.62 7.40 24.56
C ALA A 221 17.59 6.95 26.01
N PHE A 222 16.58 7.41 26.76
CA PHE A 222 16.43 6.95 28.15
C PHE A 222 16.29 5.42 28.26
N TYR A 223 15.74 4.81 27.21
CA TYR A 223 15.36 3.40 27.18
C TYR A 223 16.37 2.48 26.46
N GLY A 224 17.49 3.03 25.98
CA GLY A 224 18.53 2.19 25.39
C GLY A 224 19.43 2.89 24.39
N PRO A 225 20.57 2.27 24.06
CA PRO A 225 21.47 2.85 23.07
C PRO A 225 20.96 2.62 21.65
N LYS A 226 21.55 3.34 20.70
CA LYS A 226 21.16 3.24 19.30
C LYS A 226 22.35 3.38 18.37
N ILE A 227 22.15 2.89 17.15
CA ILE A 227 23.05 3.16 16.03
C ILE A 227 22.25 3.98 15.03
N GLU A 228 22.89 5.01 14.49
CA GLU A 228 22.30 5.81 13.41
CA GLU A 228 22.30 5.82 13.41
C GLU A 228 23.21 5.82 12.19
N PHE A 229 22.60 5.78 11.01
CA PHE A 229 23.30 5.66 9.74
C PHE A 229 23.03 6.89 8.91
N THR A 230 24.10 7.55 8.49
CA THR A 230 24.04 8.77 7.71
C THR A 230 24.64 8.50 6.35
N LEU A 231 23.83 8.64 5.30
CA LEU A 231 24.31 8.41 3.95
C LEU A 231 24.72 9.74 3.33
N TYR A 232 25.65 9.67 2.38
CA TYR A 232 26.09 10.85 1.67
C TYR A 232 25.67 10.78 0.21
N ASP A 233 25.06 11.85 -0.29
CA ASP A 233 24.62 11.90 -1.69
C ASP A 233 25.77 12.30 -2.62
N CYS A 234 25.49 12.41 -3.91
CA CYS A 234 26.52 12.71 -4.92
C CYS A 234 27.10 14.14 -4.80
N LEU A 235 26.40 15.03 -4.08
CA LEU A 235 26.92 16.35 -3.73
C LEU A 235 27.67 16.34 -2.38
N ASP A 236 27.95 15.15 -1.84
CA ASP A 236 28.57 14.94 -0.54
C ASP A 236 27.79 15.56 0.64
N ARG A 237 26.46 15.63 0.51
CA ARG A 237 25.59 16.14 1.57
C ARG A 237 25.16 14.95 2.44
N ALA A 238 25.11 15.18 3.74
CA ALA A 238 24.81 14.14 4.73
C ALA A 238 23.31 14.09 5.01
N TRP A 239 22.77 12.88 5.03
CA TRP A 239 21.37 12.62 5.35
C TRP A 239 21.28 11.48 6.36
N GLN A 240 20.90 11.79 7.60
CA GLN A 240 20.68 10.75 8.61
C GLN A 240 19.35 10.11 8.28
N CYS A 241 19.37 8.81 8.00
CA CYS A 241 18.18 8.06 7.59
C CYS A 241 17.90 6.84 8.47
N GLY A 242 18.92 6.01 8.67
CA GLY A 242 18.75 4.72 9.35
C GLY A 242 18.89 4.84 10.86
N THR A 243 18.07 4.08 11.57
CA THR A 243 18.19 3.94 13.04
C THR A 243 17.97 2.49 13.46
N VAL A 244 18.82 2.02 14.39
CA VAL A 244 18.57 0.78 15.12
C VAL A 244 18.62 1.14 16.60
N GLN A 245 17.47 1.04 17.28
CA GLN A 245 17.32 1.53 18.64
C GLN A 245 16.92 0.41 19.57
N LEU A 246 17.73 0.14 20.60
CA LEU A 246 17.35 -0.87 21.59
C LEU A 246 16.42 -0.25 22.61
N ASP A 247 15.48 -1.05 23.11
CA ASP A 247 14.42 -0.55 24.00
C ASP A 247 14.13 -1.59 25.08
N PHE A 248 14.57 -1.27 26.29
CA PHE A 248 14.34 -2.11 27.47
C PHE A 248 13.22 -1.56 28.36
N SER A 249 12.44 -0.62 27.84
CA SER A 249 11.41 0.07 28.61
C SER A 249 9.99 -0.24 28.14
N LEU A 250 9.73 -0.07 26.85
CA LEU A 250 8.36 -0.14 26.34
C LEU A 250 7.65 -1.47 26.56
N PRO A 251 8.34 -2.62 26.33
CA PRO A 251 7.64 -3.89 26.56
C PRO A 251 7.05 -4.02 27.96
N SER A 252 7.83 -3.66 28.97
CA SER A 252 7.35 -3.70 30.34
C SER A 252 6.20 -2.71 30.57
N ARG A 253 6.36 -1.50 30.06
CA ARG A 253 5.35 -0.45 30.21
C ARG A 253 3.99 -0.84 29.63
N LEU A 254 4.00 -1.63 28.55
CA LEU A 254 2.78 -2.06 27.88
C LEU A 254 2.44 -3.53 28.13
N SER A 255 2.98 -4.09 29.21
CA SER A 255 2.67 -5.44 29.68
C SER A 255 2.91 -6.55 28.66
N ALA A 256 3.99 -6.42 27.89
CA ALA A 256 4.37 -7.44 26.92
C ALA A 256 5.16 -8.54 27.63
N SER A 257 4.86 -9.78 27.28
CA SER A 257 5.57 -10.93 27.81
C SER A 257 5.45 -12.15 26.94
N TYR A 258 6.33 -13.11 27.19
CA TYR A 258 6.30 -14.41 26.54
C TYR A 258 6.66 -15.48 27.57
N VAL A 259 6.29 -16.72 27.25
CA VAL A 259 6.60 -17.88 28.08
C VAL A 259 7.99 -18.35 27.72
N GLY A 260 8.94 -18.20 28.65
CA GLY A 260 10.31 -18.65 28.42
C GLY A 260 10.43 -20.16 28.35
N GLU A 261 11.60 -20.64 27.94
CA GLU A 261 11.89 -22.07 27.87
C GLU A 261 11.87 -22.75 29.25
N ASP A 262 12.15 -21.98 30.31
CA ASP A 262 11.99 -22.44 31.70
C ASP A 262 10.58 -22.24 32.29
N ASN A 263 9.62 -21.86 31.44
CA ASN A 263 8.21 -21.62 31.81
C ASN A 263 7.98 -20.36 32.67
N GLU A 264 8.96 -19.46 32.75
CA GLU A 264 8.80 -18.19 33.47
C GLU A 264 8.18 -17.15 32.55
N ARG A 265 7.36 -16.27 33.11
CA ARG A 265 6.88 -15.07 32.42
C ARG A 265 8.08 -14.14 32.22
N LYS A 266 8.44 -13.88 30.95
CA LYS A 266 9.60 -13.05 30.63
C LYS A 266 9.20 -11.89 29.74
N VAL A 267 9.90 -10.77 29.89
CA VAL A 267 9.66 -9.55 29.11
C VAL A 267 10.65 -9.51 27.93
N PRO A 268 10.13 -9.37 26.69
CA PRO A 268 11.03 -9.32 25.54
C PRO A 268 11.76 -7.99 25.46
N VAL A 269 12.93 -8.00 24.83
CA VAL A 269 13.62 -6.78 24.44
C VAL A 269 13.01 -6.38 23.11
N MET A 270 12.93 -5.06 22.87
CA MET A 270 12.48 -4.53 21.58
CA MET A 270 12.46 -4.50 21.59
C MET A 270 13.61 -3.83 20.85
N ILE A 271 13.67 -4.05 19.54
CA ILE A 271 14.55 -3.29 18.65
C ILE A 271 13.62 -2.52 17.73
N HIS A 272 13.77 -1.20 17.72
CA HIS A 272 13.10 -0.33 16.74
C HIS A 272 14.06 -0.18 15.59
N ARG A 273 13.58 -0.23 14.35
CA ARG A 273 14.48 0.04 13.24
C ARG A 273 13.78 0.59 12.01
N ALA A 274 14.39 1.60 11.40
CA ALA A 274 13.95 2.14 10.11
C ALA A 274 15.21 2.32 9.31
N ILE A 275 15.14 2.05 8.01
CA ILE A 275 16.29 2.12 7.11
CA ILE A 275 16.31 2.15 7.14
C ILE A 275 16.25 3.40 6.28
N LEU A 276 15.16 3.58 5.54
CA LEU A 276 14.96 4.79 4.75
C LEU A 276 14.60 5.97 5.63
N GLY A 277 13.89 5.69 6.72
CA GLY A 277 13.28 6.72 7.56
C GLY A 277 11.97 7.10 6.91
N SER A 278 11.64 8.39 6.94
CA SER A 278 10.47 8.88 6.24
C SER A 278 10.62 8.62 4.74
N MET A 279 9.65 7.92 4.16
CA MET A 279 9.71 7.59 2.74
C MET A 279 9.47 8.81 1.86
N GLU A 280 8.67 9.75 2.36
CA GLU A 280 8.50 11.04 1.70
C GLU A 280 9.84 11.75 1.62
N ARG A 281 10.55 11.82 2.75
CA ARG A 281 11.87 12.45 2.77
C ARG A 281 12.85 11.70 1.87
N PHE A 282 12.79 10.36 1.90
CA PHE A 282 13.70 9.57 1.08
C PHE A 282 13.45 9.82 -0.41
N ILE A 283 12.18 9.91 -0.80
CA ILE A 283 11.85 10.29 -2.18
C ILE A 283 12.43 11.68 -2.51
N GLY A 284 12.31 12.64 -1.59
CA GLY A 284 12.94 13.95 -1.77
C GLY A 284 14.45 13.84 -1.99
N ILE A 285 15.12 13.06 -1.15
CA ILE A 285 16.57 12.84 -1.29
C ILE A 285 16.90 12.24 -2.64
N LEU A 286 16.16 11.19 -3.04
CA LEU A 286 16.40 10.52 -4.32
C LEU A 286 16.17 11.45 -5.50
N THR A 287 15.14 12.28 -5.40
CA THR A 287 14.83 13.24 -6.46
C THR A 287 16.05 14.15 -6.71
N GLU A 288 16.69 14.59 -5.63
CA GLU A 288 17.85 15.48 -5.76
C GLU A 288 19.10 14.70 -6.17
N GLU A 289 19.30 13.53 -5.57
CA GLU A 289 20.42 12.62 -5.95
C GLU A 289 20.47 12.35 -7.45
N PHE A 290 19.30 12.04 -8.02
CA PHE A 290 19.20 11.69 -9.43
C PHE A 290 18.89 12.89 -10.33
N ALA A 291 18.66 14.06 -9.75
CA ALA A 291 18.23 15.25 -10.49
C ALA A 291 16.99 14.96 -11.35
N GLY A 292 16.08 14.15 -10.80
CA GLY A 292 14.88 13.72 -11.51
C GLY A 292 15.04 12.59 -12.51
N PHE A 293 16.28 12.15 -12.76
CA PHE A 293 16.55 11.00 -13.63
C PHE A 293 16.44 9.72 -12.82
N PHE A 294 15.22 9.36 -12.42
CA PHE A 294 15.02 8.18 -11.59
C PHE A 294 15.46 6.94 -12.36
N PRO A 295 16.17 6.02 -11.69
CA PRO A 295 16.48 4.73 -12.31
C PRO A 295 15.22 4.08 -12.88
N THR A 296 15.38 3.28 -13.92
CA THR A 296 14.22 2.81 -14.68
C THR A 296 13.16 2.14 -13.82
N TRP A 297 13.59 1.28 -12.89
CA TRP A 297 12.63 0.64 -11.99
C TRP A 297 11.73 1.60 -11.20
N LEU A 298 12.23 2.79 -10.88
CA LEU A 298 11.49 3.83 -10.15
C LEU A 298 10.76 4.82 -11.02
N ALA A 299 11.11 4.90 -12.31
CA ALA A 299 10.60 5.98 -13.15
C ALA A 299 9.10 5.87 -13.34
N PRO A 300 8.36 6.98 -13.15
CA PRO A 300 6.89 6.91 -13.31
C PRO A 300 6.45 6.35 -14.67
N VAL A 301 7.10 6.84 -15.73
CA VAL A 301 6.89 6.32 -17.08
C VAL A 301 8.25 5.82 -17.54
N GLN A 302 8.34 4.52 -17.81
CA GLN A 302 9.62 3.88 -18.14
C GLN A 302 9.98 4.01 -19.62
N VAL A 303 8.95 3.93 -20.48
CA VAL A 303 9.13 3.94 -21.93
C VAL A 303 8.02 4.73 -22.59
N VAL A 304 8.38 5.56 -23.57
CA VAL A 304 7.40 6.13 -24.49
C VAL A 304 7.69 5.60 -25.89
N VAL A 305 6.68 5.00 -26.52
CA VAL A 305 6.80 4.51 -27.89
C VAL A 305 6.19 5.58 -28.79
N MET A 306 6.88 5.92 -29.87
CA MET A 306 6.47 7.08 -30.68
C MET A 306 6.69 6.84 -32.17
N ASN A 307 5.75 7.33 -32.96
CA ASN A 307 5.84 7.24 -34.42
C ASN A 307 6.41 8.52 -35.02
N ILE A 308 7.07 8.36 -36.17
CA ILE A 308 7.59 9.50 -36.94
C ILE A 308 6.45 10.17 -37.73
N THR A 309 5.61 9.36 -38.37
CA THR A 309 4.45 9.84 -39.13
C THR A 309 3.25 8.96 -38.82
N ASP A 310 2.10 9.30 -39.40
CA ASP A 310 0.87 8.53 -39.19
C ASP A 310 1.01 7.05 -39.58
N SER A 311 1.86 6.77 -40.57
CA SER A 311 2.04 5.41 -41.11
C SER A 311 2.45 4.35 -40.09
N GLN A 312 3.15 4.74 -39.03
CA GLN A 312 3.61 3.75 -38.03
C GLN A 312 2.71 3.64 -36.80
N SER A 313 1.52 4.24 -36.82
CA SER A 313 0.66 4.28 -35.64
C SER A 313 0.27 2.89 -35.13
N GLU A 314 -0.06 1.97 -36.04
CA GLU A 314 -0.50 0.64 -35.62
C GLU A 314 0.66 -0.25 -35.15
N TYR A 315 1.85 -0.05 -35.72
CA TYR A 315 3.05 -0.69 -35.20
C TYR A 315 3.33 -0.19 -33.78
N VAL A 316 3.18 1.12 -33.56
CA VAL A 316 3.34 1.70 -32.22
C VAL A 316 2.34 1.08 -31.24
N ASN A 317 1.10 0.92 -31.68
CA ASN A 317 0.07 0.30 -30.83
C ASN A 317 0.41 -1.15 -30.48
N GLU A 318 0.89 -1.92 -31.44
CA GLU A 318 1.32 -3.29 -31.18
C GLU A 318 2.47 -3.34 -30.18
N LEU A 319 3.47 -2.50 -30.40
CA LEU A 319 4.66 -2.49 -29.56
C LEU A 319 4.34 -2.02 -28.14
N THR A 320 3.47 -1.02 -28.02
CA THR A 320 3.01 -0.52 -26.73
C THR A 320 2.30 -1.64 -25.95
N GLN A 321 1.42 -2.37 -26.64
CA GLN A 321 0.75 -3.51 -26.01
C GLN A 321 1.73 -4.59 -25.55
N LYS A 322 2.74 -4.90 -26.37
CA LYS A 322 3.79 -5.85 -25.98
C LYS A 322 4.53 -5.40 -24.72
N LEU A 323 4.88 -4.12 -24.65
CA LEU A 323 5.52 -3.57 -23.46
C LEU A 323 4.61 -3.63 -22.24
N GLN A 324 3.33 -3.30 -22.44
CA GLN A 324 2.31 -3.40 -21.38
C GLN A 324 2.24 -4.82 -20.83
N ASN A 325 2.17 -5.79 -21.75
CA ASN A 325 2.11 -7.21 -21.37
C ASN A 325 3.36 -7.69 -20.65
N ALA A 326 4.51 -7.07 -20.96
CA ALA A 326 5.78 -7.35 -20.30
C ALA A 326 5.94 -6.70 -18.91
N GLY A 327 4.93 -5.97 -18.45
CA GLY A 327 4.92 -5.33 -17.13
C GLY A 327 5.58 -3.96 -17.08
N ILE A 328 5.88 -3.39 -18.24
CA ILE A 328 6.58 -2.11 -18.32
C ILE A 328 5.59 -0.95 -18.28
N ARG A 329 5.94 0.12 -17.58
CA ARG A 329 5.12 1.34 -17.55
C ARG A 329 5.37 2.12 -18.83
N VAL A 330 4.46 1.96 -19.79
CA VAL A 330 4.65 2.43 -21.15
C VAL A 330 3.49 3.33 -21.55
N LYS A 331 3.80 4.33 -22.37
CA LYS A 331 2.80 5.20 -22.97
C LYS A 331 3.13 5.32 -24.45
N ALA A 332 2.10 5.43 -25.29
CA ALA A 332 2.27 5.73 -26.71
C ALA A 332 2.12 7.23 -26.94
N ASP A 333 3.04 7.81 -27.71
CA ASP A 333 2.91 9.19 -28.13
C ASP A 333 2.64 9.17 -29.64
N LEU A 334 1.36 9.26 -29.97
CA LEU A 334 0.85 9.24 -31.33
C LEU A 334 0.38 10.60 -31.83
N ARG A 335 0.78 11.68 -31.17
CA ARG A 335 0.42 13.03 -31.60
C ARG A 335 1.04 13.31 -32.98
N ASN A 336 0.38 14.13 -33.82
CA ASN A 336 0.99 14.53 -35.11
C ASN A 336 1.93 15.70 -34.83
N GLU A 337 3.09 15.33 -34.29
CA GLU A 337 4.14 16.28 -33.96
C GLU A 337 5.43 15.70 -34.50
N LYS A 338 6.39 16.58 -34.75
CA LYS A 338 7.71 16.16 -35.20
C LYS A 338 8.33 15.22 -34.18
N ILE A 339 9.04 14.21 -34.64
CA ILE A 339 9.73 13.27 -33.74
C ILE A 339 10.66 13.99 -32.74
N GLY A 340 11.37 15.02 -33.21
CA GLY A 340 12.25 15.82 -32.34
C GLY A 340 11.51 16.52 -31.21
N PHE A 341 10.29 16.98 -31.50
CA PHE A 341 9.40 17.59 -30.51
C PHE A 341 9.02 16.57 -29.42
N LYS A 342 8.66 15.37 -29.84
CA LYS A 342 8.33 14.28 -28.91
C LYS A 342 9.54 13.91 -28.05
N ILE A 343 10.70 13.74 -28.68
CA ILE A 343 11.92 13.40 -27.95
C ILE A 343 12.28 14.50 -26.94
N ARG A 344 12.19 15.75 -27.34
CA ARG A 344 12.48 16.87 -26.43
C ARG A 344 11.57 16.84 -25.20
N GLU A 345 10.27 16.62 -25.42
CA GLU A 345 9.30 16.62 -24.32
C GLU A 345 9.56 15.49 -23.33
N HIS A 346 9.73 14.28 -23.86
CA HIS A 346 9.92 13.12 -22.98
C HIS A 346 11.30 13.04 -22.33
N THR A 347 12.30 13.64 -22.98
CA THR A 347 13.60 13.87 -22.35
C THR A 347 13.46 14.83 -21.17
N LEU A 348 12.72 15.92 -21.37
CA LEU A 348 12.45 16.90 -20.30
C LEU A 348 11.71 16.27 -19.11
N ARG A 349 10.82 15.32 -19.41
CA ARG A 349 10.10 14.57 -18.38
C ARG A 349 10.90 13.39 -17.79
N ARG A 350 12.13 13.18 -18.26
CA ARG A 350 13.06 12.20 -17.68
C ARG A 350 12.59 10.75 -17.88
N VAL A 351 11.91 10.50 -18.99
CA VAL A 351 11.52 9.14 -19.36
C VAL A 351 12.78 8.40 -19.79
N PRO A 352 13.11 7.28 -19.11
CA PRO A 352 14.33 6.54 -19.47
C PRO A 352 14.53 6.26 -20.96
N TYR A 353 13.53 5.71 -21.61
CA TYR A 353 13.66 5.26 -23.00
C TYR A 353 12.56 5.76 -23.90
N MET A 354 12.98 6.18 -25.09
CA MET A 354 12.06 6.58 -26.13
C MET A 354 12.27 5.63 -27.29
N LEU A 355 11.22 4.90 -27.64
CA LEU A 355 11.26 3.84 -28.65
C LEU A 355 10.63 4.38 -29.93
N VAL A 356 11.50 4.71 -30.88
CA VAL A 356 11.11 5.44 -32.07
C VAL A 356 10.85 4.46 -33.22
N CYS A 357 9.70 4.64 -33.86
CA CYS A 357 9.27 3.78 -34.95
C CYS A 357 9.07 4.60 -36.23
N GLY A 358 10.06 4.50 -37.12
CA GLY A 358 9.94 4.96 -38.49
C GLY A 358 9.65 3.79 -39.41
N ASP A 359 9.50 4.09 -40.70
CA ASP A 359 9.23 3.05 -41.69
C ASP A 359 10.26 1.94 -41.65
N LYS A 360 11.54 2.32 -41.54
CA LYS A 360 12.63 1.33 -41.53
C LYS A 360 12.49 0.36 -40.36
N GLU A 361 12.11 0.90 -39.20
CA GLU A 361 11.91 0.07 -38.01
C GLU A 361 10.73 -0.88 -38.21
N VAL A 362 9.61 -0.35 -38.69
CA VAL A 362 8.41 -1.15 -38.92
C VAL A 362 8.73 -2.28 -39.89
N GLU A 363 9.39 -1.93 -40.99
CA GLU A 363 9.69 -2.90 -42.05
C GLU A 363 10.59 -4.07 -41.62
N ALA A 364 11.49 -3.80 -40.67
CA ALA A 364 12.41 -4.81 -40.16
C ALA A 364 11.94 -5.51 -38.87
N GLY A 365 10.80 -5.08 -38.31
CA GLY A 365 10.35 -5.58 -37.01
C GLY A 365 11.31 -5.19 -35.89
N LYS A 366 11.85 -3.99 -35.99
CA LYS A 366 12.81 -3.46 -35.03
C LYS A 366 12.25 -2.20 -34.37
N VAL A 367 13.04 -1.61 -33.49
CA VAL A 367 12.72 -0.32 -32.91
C VAL A 367 14.02 0.44 -32.66
N ALA A 368 13.99 1.75 -32.84
CA ALA A 368 15.15 2.62 -32.60
C ALA A 368 15.05 3.16 -31.17
N VAL A 369 16.12 2.99 -30.39
CA VAL A 369 16.08 3.31 -28.97
C VAL A 369 16.91 4.55 -28.66
N ARG A 370 16.25 5.54 -28.06
CA ARG A 370 16.86 6.79 -27.64
C ARG A 370 16.73 6.88 -26.12
N THR A 371 17.80 7.27 -25.43
CA THR A 371 17.72 7.50 -23.97
C THR A 371 17.52 8.97 -23.65
N ARG A 372 17.03 9.23 -22.44
CA ARG A 372 16.86 10.59 -21.92
C ARG A 372 18.18 11.36 -21.73
N ARG A 373 19.30 10.65 -21.76
CA ARG A 373 20.63 11.29 -21.77
C ARG A 373 21.06 11.74 -23.16
N GLY A 374 20.22 11.51 -24.16
CA GLY A 374 20.49 11.95 -25.52
C GLY A 374 21.21 10.91 -26.37
N LYS A 375 21.37 9.70 -25.84
CA LYS A 375 22.12 8.63 -26.51
C LYS A 375 21.24 7.88 -27.50
N ASP A 376 21.72 7.78 -28.74
CA ASP A 376 21.08 6.99 -29.79
C ASP A 376 21.68 5.59 -29.74
N LEU A 377 20.91 4.62 -29.25
CA LEU A 377 21.35 3.22 -29.17
C LEU A 377 21.11 2.44 -30.47
N GLY A 378 20.54 3.09 -31.49
CA GLY A 378 20.34 2.48 -32.80
C GLY A 378 19.11 1.58 -32.86
N SER A 379 19.03 0.81 -33.95
CA SER A 379 17.87 -0.03 -34.28
C SER A 379 18.09 -1.41 -33.71
N LEU A 380 17.14 -1.88 -32.90
CA LEU A 380 17.28 -3.11 -32.16
C LEU A 380 16.04 -3.99 -32.32
N ASP A 381 16.24 -5.30 -32.23
CA ASP A 381 15.13 -6.25 -32.27
C ASP A 381 14.20 -6.01 -31.08
N VAL A 382 12.90 -5.98 -31.34
CA VAL A 382 11.89 -5.64 -30.32
C VAL A 382 11.94 -6.58 -29.10
N ASN A 383 11.94 -7.89 -29.33
CA ASN A 383 11.96 -8.85 -28.22
C ASN A 383 13.24 -8.75 -27.38
N ASP A 384 14.36 -8.47 -28.04
CA ASP A 384 15.64 -8.25 -27.35
CA ASP A 384 15.64 -8.26 -27.33
C ASP A 384 15.57 -7.01 -26.44
N VAL A 385 15.03 -5.91 -26.98
CA VAL A 385 14.88 -4.67 -26.21
C VAL A 385 13.98 -4.91 -24.99
N ILE A 386 12.87 -5.61 -25.21
CA ILE A 386 11.94 -5.91 -24.11
C ILE A 386 12.64 -6.74 -23.01
N GLU A 387 13.41 -7.76 -23.41
CA GLU A 387 14.15 -8.60 -22.46
C GLU A 387 15.17 -7.77 -21.65
N LYS A 388 15.87 -6.88 -22.34
CA LYS A 388 16.88 -6.02 -21.70
C LYS A 388 16.22 -5.05 -20.72
N LEU A 389 15.10 -4.45 -21.12
CA LEU A 389 14.34 -3.56 -20.22
C LEU A 389 13.81 -4.28 -18.98
N GLN A 390 13.29 -5.50 -19.17
CA GLN A 390 12.82 -6.31 -18.05
C GLN A 390 13.93 -6.64 -17.06
N GLN A 391 15.12 -6.96 -17.57
CA GLN A 391 16.28 -7.26 -16.73
C GLN A 391 16.74 -6.01 -15.97
N GLU A 392 16.74 -4.86 -16.63
CA GLU A 392 17.12 -3.59 -15.98
C GLU A 392 16.17 -3.25 -14.85
N ILE A 393 14.88 -3.53 -15.06
CA ILE A 393 13.84 -3.26 -14.06
C ILE A 393 13.92 -4.26 -12.90
N ARG A 394 13.95 -5.56 -13.21
CA ARG A 394 13.99 -6.60 -12.17
C ARG A 394 15.21 -6.53 -11.26
N SER A 395 16.36 -6.18 -11.84
CA SER A 395 17.61 -6.01 -11.08
C SER A 395 17.72 -4.65 -10.38
N ARG A 396 16.76 -3.77 -10.63
CA ARG A 396 16.76 -2.39 -10.07
C ARG A 396 18.09 -1.68 -10.35
N SER A 397 18.54 -1.82 -11.59
CA SER A 397 19.82 -1.25 -12.00
C SER A 397 19.81 0.28 -12.02
N LEU A 398 20.91 0.86 -11.54
CA LEU A 398 21.14 2.29 -11.64
C LEU A 398 21.49 2.73 -13.06
N GLN A 399 21.93 1.80 -13.90
CA GLN A 399 22.50 2.11 -15.20
C GLN A 399 21.54 1.74 -16.31
N GLN A 400 21.40 2.63 -17.30
CA GLN A 400 20.63 2.35 -18.49
C GLN A 400 21.46 1.52 -19.48
N LEU A 401 20.80 1.00 -20.52
CA LEU A 401 21.49 0.21 -21.54
C LEU A 401 22.53 1.04 -22.27
N GLU A 402 23.66 0.42 -22.57
CA GLU A 402 24.77 1.07 -23.29
C GLU A 402 25.04 0.31 -24.58
N GLY B 2 -21.93 -20.98 11.59
CA GLY B 2 -20.51 -21.05 12.00
C GLY B 2 -19.59 -20.47 10.96
N ARG B 3 -19.80 -19.20 10.65
CA ARG B 3 -18.98 -18.46 9.70
C ARG B 3 -18.70 -17.03 10.15
N ASP B 4 -18.69 -16.81 11.46
CA ASP B 4 -18.47 -15.45 12.01
C ASP B 4 -17.06 -14.96 11.66
N HIS B 5 -16.99 -13.84 10.95
CA HIS B 5 -15.68 -13.23 10.60
C HIS B 5 -14.86 -12.88 11.84
N ARG B 6 -15.53 -12.56 12.95
CA ARG B 6 -14.83 -12.30 14.20
C ARG B 6 -14.10 -13.54 14.73
N LYS B 7 -14.77 -14.70 14.63
CA LYS B 7 -14.22 -15.97 15.07
C LYS B 7 -13.08 -16.42 14.15
N ILE B 8 -13.34 -16.39 12.84
CA ILE B 8 -12.37 -16.78 11.84
C ILE B 8 -11.15 -15.85 11.90
N GLY B 9 -11.42 -14.56 12.07
CA GLY B 9 -10.34 -13.57 12.21
C GLY B 9 -9.43 -13.87 13.38
N LYS B 10 -9.99 -14.34 14.49
CA LYS B 10 -9.18 -14.74 15.64
C LYS B 10 -8.44 -16.05 15.39
N GLN B 11 -9.19 -17.06 14.96
CA GLN B 11 -8.64 -18.41 14.72
C GLN B 11 -7.48 -18.44 13.73
N LEU B 12 -7.63 -17.67 12.64
CA LEU B 12 -6.62 -17.62 11.58
C LEU B 12 -5.65 -16.45 11.72
N ASP B 13 -5.70 -15.75 12.86
CA ASP B 13 -4.80 -14.65 13.19
CA ASP B 13 -4.76 -14.67 13.17
C ASP B 13 -4.78 -13.58 12.08
N LEU B 14 -5.96 -13.16 11.68
CA LEU B 14 -6.08 -12.18 10.61
C LEU B 14 -6.04 -10.75 11.12
N TYR B 15 -6.75 -10.48 12.20
CA TYR B 15 -6.86 -9.13 12.73
C TYR B 15 -7.34 -9.19 14.15
N HIS B 16 -7.27 -8.05 14.82
CA HIS B 16 -7.99 -7.86 16.07
C HIS B 16 -8.43 -6.42 16.22
N MET B 17 -9.32 -6.23 17.18
CA MET B 17 -9.79 -4.92 17.58
C MET B 17 -9.76 -4.87 19.10
N GLN B 18 -9.57 -3.67 19.65
CA GLN B 18 -9.59 -3.48 21.10
C GLN B 18 -10.20 -2.14 21.48
N GLU B 19 -10.58 -2.01 22.75
CA GLU B 19 -11.35 -0.86 23.22
C GLU B 19 -10.60 0.48 23.16
N GLU B 20 -9.27 0.43 23.14
CA GLU B 20 -8.46 1.65 23.00
C GLU B 20 -8.57 2.31 21.63
N ALA B 21 -9.09 1.58 20.63
CA ALA B 21 -9.35 2.14 19.30
C ALA B 21 -10.66 1.58 18.77
N PRO B 22 -11.79 2.09 19.27
CA PRO B 22 -13.08 1.55 18.85
C PRO B 22 -13.29 1.59 17.33
N GLY B 23 -13.69 0.46 16.76
CA GLY B 23 -14.03 0.41 15.34
C GLY B 23 -12.85 0.63 14.40
N MET B 24 -11.64 0.34 14.87
CA MET B 24 -10.46 0.49 14.04
C MET B 24 -9.67 -0.81 14.11
N VAL B 25 -9.18 -1.27 12.96
CA VAL B 25 -8.65 -2.62 12.83
C VAL B 25 -7.13 -2.64 12.94
N PHE B 26 -6.60 -3.60 13.69
CA PHE B 26 -5.19 -4.00 13.61
C PHE B 26 -5.11 -5.22 12.71
N TRP B 27 -4.44 -5.10 11.56
CA TRP B 27 -4.26 -6.24 10.66
C TRP B 27 -3.00 -6.97 11.02
N HIS B 28 -3.13 -8.24 11.36
CA HIS B 28 -1.99 -9.11 11.64
C HIS B 28 -1.42 -9.59 10.31
N ASN B 29 -0.28 -10.27 10.36
CA ASN B 29 0.42 -10.66 9.12
C ASN B 29 -0.50 -11.29 8.08
N ASP B 30 -1.23 -12.33 8.48
CA ASP B 30 -2.04 -13.07 7.52
C ASP B 30 -3.25 -12.29 7.01
N GLY B 31 -3.86 -11.47 7.86
CA GLY B 31 -4.94 -10.63 7.43
C GLY B 31 -4.47 -9.55 6.49
N TRP B 32 -3.31 -8.97 6.80
CA TRP B 32 -2.73 -7.94 5.96
C TRP B 32 -2.33 -8.50 4.58
N THR B 33 -1.92 -9.76 4.53
CA THR B 33 -1.67 -10.43 3.24
C THR B 33 -2.95 -10.46 2.40
N ILE B 34 -4.08 -10.78 3.01
CA ILE B 34 -5.36 -10.79 2.30
C ILE B 34 -5.71 -9.37 1.80
N PHE B 35 -5.58 -8.40 2.70
CA PHE B 35 -5.85 -7.00 2.38
C PHE B 35 -4.99 -6.56 1.19
N ARG B 36 -3.69 -6.85 1.25
CA ARG B 36 -2.80 -6.46 0.17
C ARG B 36 -3.11 -7.15 -1.15
N GLU B 37 -3.51 -8.41 -1.10
CA GLU B 37 -3.89 -9.11 -2.34
CA GLU B 37 -3.90 -9.11 -2.32
C GLU B 37 -5.19 -8.52 -2.91
N LEU B 38 -6.10 -8.10 -2.03
CA LEU B 38 -7.30 -7.42 -2.48
C LEU B 38 -6.94 -6.07 -3.13
N GLU B 39 -5.95 -5.36 -2.57
CA GLU B 39 -5.43 -4.13 -3.18
C GLU B 39 -4.85 -4.40 -4.55
N VAL B 40 -4.08 -5.48 -4.67
CA VAL B 40 -3.49 -5.87 -5.97
C VAL B 40 -4.60 -6.11 -6.99
N PHE B 41 -5.66 -6.80 -6.56
CA PHE B 41 -6.79 -7.03 -7.44
C PHE B 41 -7.42 -5.70 -7.88
N VAL B 42 -7.68 -4.81 -6.93
CA VAL B 42 -8.30 -3.52 -7.30
C VAL B 42 -7.40 -2.77 -8.27
N ARG B 43 -6.10 -2.74 -8.01
CA ARG B 43 -5.16 -2.09 -8.91
C ARG B 43 -5.17 -2.67 -10.32
N SER B 44 -5.33 -3.99 -10.43
CA SER B 44 -5.43 -4.63 -11.75
C SER B 44 -6.64 -4.11 -12.52
N LYS B 45 -7.74 -3.85 -11.81
CA LYS B 45 -8.93 -3.26 -12.41
C LYS B 45 -8.78 -1.78 -12.71
N LEU B 46 -8.09 -1.04 -11.84
CA LEU B 46 -7.78 0.36 -12.13
C LEU B 46 -6.97 0.48 -13.43
N LYS B 47 -6.01 -0.42 -13.61
CA LYS B 47 -5.23 -0.43 -14.85
C LYS B 47 -6.11 -0.75 -16.06
N GLU B 48 -6.89 -1.82 -15.94
CA GLU B 48 -7.78 -2.27 -17.01
C GLU B 48 -8.78 -1.20 -17.45
N TYR B 49 -9.38 -0.51 -16.48
CA TYR B 49 -10.40 0.52 -16.75
C TYR B 49 -9.83 1.94 -16.88
N GLN B 50 -8.49 2.06 -16.89
CA GLN B 50 -7.77 3.31 -17.21
C GLN B 50 -7.98 4.40 -16.15
N TYR B 51 -7.64 4.06 -14.91
CA TYR B 51 -7.62 5.01 -13.80
C TYR B 51 -6.18 5.33 -13.38
N GLN B 52 -5.96 6.59 -13.01
CA GLN B 52 -4.80 7.01 -12.23
C GLN B 52 -5.00 6.57 -10.78
N GLU B 53 -3.93 6.54 -10.01
CA GLU B 53 -4.02 6.33 -8.57
C GLU B 53 -3.23 7.42 -7.85
N VAL B 54 -3.87 8.06 -6.87
CA VAL B 54 -3.29 9.17 -6.14
C VAL B 54 -3.35 8.92 -4.65
N LYS B 55 -2.82 9.86 -3.86
CA LYS B 55 -3.01 9.82 -2.40
C LYS B 55 -3.15 11.23 -1.90
N GLY B 56 -4.23 11.48 -1.18
CA GLY B 56 -4.50 12.80 -0.63
C GLY B 56 -4.10 12.88 0.84
N PRO B 57 -4.13 14.11 1.38
CA PRO B 57 -3.80 14.32 2.78
C PRO B 57 -4.85 13.73 3.72
N PHE B 58 -4.39 13.33 4.89
CA PHE B 58 -5.21 12.69 5.91
C PHE B 58 -6.20 13.65 6.58
N MET B 59 -5.82 14.92 6.68
CA MET B 59 -6.71 15.96 7.18
C MET B 59 -6.59 17.20 6.33
N MET B 60 -7.64 18.01 6.35
CA MET B 60 -7.63 19.32 5.70
C MET B 60 -8.42 20.30 6.54
N ASP B 61 -8.09 21.58 6.37
CA ASP B 61 -8.68 22.67 7.16
C ASP B 61 -10.20 22.63 7.07
N ARG B 62 -10.85 22.81 8.23
CA ARG B 62 -12.32 22.94 8.31
C ARG B 62 -12.90 23.93 7.28
N VAL B 63 -12.17 25.03 7.04
CA VAL B 63 -12.60 26.07 6.07
C VAL B 63 -12.92 25.46 4.69
N LEU B 64 -12.09 24.49 4.26
CA LEU B 64 -12.34 23.77 3.02
C LEU B 64 -13.59 22.90 3.10
N TRP B 65 -13.77 22.18 4.19
CA TRP B 65 -14.96 21.33 4.37
C TRP B 65 -16.24 22.17 4.50
N GLU B 66 -16.11 23.39 5.00
CA GLU B 66 -17.24 24.34 5.00
C GLU B 66 -17.63 24.77 3.58
N LYS B 67 -16.63 25.06 2.76
CA LYS B 67 -16.82 25.45 1.36
C LYS B 67 -17.52 24.38 0.54
N THR B 68 -17.13 23.12 0.75
CA THR B 68 -17.69 22.00 -0.02
C THR B 68 -19.10 21.59 0.41
N GLY B 69 -19.50 21.97 1.63
CA GLY B 69 -20.79 21.59 2.19
C GLY B 69 -20.76 20.44 3.19
N HIS B 70 -19.61 19.75 3.30
CA HIS B 70 -19.51 18.61 4.21
C HIS B 70 -19.67 19.01 5.67
N TRP B 71 -19.13 20.17 6.04
CA TRP B 71 -19.27 20.64 7.42
C TRP B 71 -20.73 20.83 7.80
N ASP B 72 -21.48 21.54 6.96
CA ASP B 72 -22.90 21.79 7.23
C ASP B 72 -23.72 20.50 7.36
N ASN B 73 -23.36 19.46 6.59
CA ASN B 73 -24.10 18.21 6.57
C ASN B 73 -23.58 17.13 7.53
N TYR B 74 -22.26 17.11 7.76
CA TYR B 74 -21.58 16.00 8.46
C TYR B 74 -20.85 16.36 9.77
N LYS B 75 -20.85 17.63 10.20
CA LYS B 75 -19.95 18.09 11.30
C LYS B 75 -19.96 17.20 12.54
N ASP B 76 -21.13 16.74 12.95
CA ASP B 76 -21.26 15.92 14.17
C ASP B 76 -20.67 14.51 14.03
N ALA B 77 -20.50 14.04 12.79
CA ALA B 77 -19.89 12.74 12.52
C ALA B 77 -18.45 12.83 11.98
N MET B 78 -17.82 14.00 12.03
CA MET B 78 -16.42 14.15 11.63
C MET B 78 -15.53 14.30 12.87
N PHE B 79 -14.36 13.65 12.83
CA PHE B 79 -13.30 13.89 13.81
C PHE B 79 -12.59 15.19 13.46
N THR B 80 -12.36 16.03 14.46
CA THR B 80 -11.60 17.26 14.27
C THR B 80 -10.37 17.29 15.17
N THR B 81 -9.36 18.02 14.71
CA THR B 81 -8.16 18.26 15.47
C THR B 81 -7.67 19.66 15.16
N SER B 82 -6.81 20.21 16.01
CA SER B 82 -6.35 21.58 15.81
C SER B 82 -4.85 21.69 15.85
N SER B 83 -4.35 22.72 15.16
CA SER B 83 -2.93 23.10 15.21
C SER B 83 -2.82 24.59 14.90
N GLU B 84 -2.08 25.31 15.73
CA GLU B 84 -1.78 26.73 15.52
C GLU B 84 -3.03 27.57 15.26
N ASN B 85 -4.05 27.33 16.08
CA ASN B 85 -5.34 28.05 16.05
C ASN B 85 -6.14 27.86 14.75
N ARG B 86 -5.89 26.73 14.06
CA ARG B 86 -6.66 26.32 12.90
C ARG B 86 -7.24 24.95 13.20
N GLU B 87 -8.45 24.72 12.71
CA GLU B 87 -9.15 23.46 12.95
C GLU B 87 -9.12 22.64 11.66
N TYR B 88 -8.89 21.34 11.82
CA TYR B 88 -8.78 20.40 10.70
C TYR B 88 -9.75 19.29 10.91
N CYS B 89 -10.34 18.81 9.81
CA CYS B 89 -11.16 17.62 9.84
C CYS B 89 -10.34 16.48 9.30
N ILE B 90 -10.30 15.38 10.05
CA ILE B 90 -9.73 14.13 9.58
C ILE B 90 -10.68 13.68 8.49
N LYS B 91 -10.18 13.32 7.30
CA LYS B 91 -11.08 13.29 6.15
C LYS B 91 -12.14 12.19 6.23
N PRO B 92 -13.41 12.54 5.99
CA PRO B 92 -14.46 11.54 5.85
C PRO B 92 -14.58 10.97 4.44
N MET B 93 -14.10 11.74 3.46
CA MET B 93 -14.23 11.43 2.04
C MET B 93 -12.99 11.92 1.30
N ASN B 94 -12.77 11.36 0.11
CA ASN B 94 -11.55 11.64 -0.68
C ASN B 94 -11.75 12.64 -1.82
N CYS B 95 -13.01 13.01 -2.07
CA CYS B 95 -13.36 13.79 -3.26
C CYS B 95 -12.72 15.17 -3.28
N PRO B 96 -12.80 15.92 -2.18
CA PRO B 96 -12.19 17.25 -2.20
C PRO B 96 -10.70 17.22 -2.50
N GLY B 97 -9.98 16.25 -1.94
CA GLY B 97 -8.56 16.07 -2.24
C GLY B 97 -8.28 15.79 -3.72
N HIS B 98 -9.14 14.98 -4.33
CA HIS B 98 -9.01 14.66 -5.75
C HIS B 98 -9.21 15.91 -6.61
N VAL B 99 -10.18 16.76 -6.23
CA VAL B 99 -10.39 18.03 -6.94
C VAL B 99 -9.15 18.91 -6.77
N GLN B 100 -8.55 18.93 -5.58
CA GLN B 100 -7.32 19.72 -5.35
C GLN B 100 -6.18 19.29 -6.29
N ILE B 101 -6.05 17.97 -6.51
CA ILE B 101 -5.06 17.44 -7.45
C ILE B 101 -5.41 17.82 -8.89
N PHE B 102 -6.67 17.66 -9.27
CA PHE B 102 -7.16 18.09 -10.59
C PHE B 102 -6.82 19.55 -10.88
N ASN B 103 -6.97 20.40 -9.85
CA ASN B 103 -6.75 21.84 -9.96
C ASN B 103 -5.29 22.27 -10.15
N GLN B 104 -4.35 21.34 -9.95
CA GLN B 104 -2.93 21.58 -10.23
C GLN B 104 -2.61 21.30 -11.69
N GLY B 105 -2.24 22.36 -12.40
CA GLY B 105 -1.94 22.27 -13.82
C GLY B 105 -3.19 22.50 -14.65
N LEU B 106 -3.03 23.28 -15.71
CA LEU B 106 -4.13 23.62 -16.60
C LEU B 106 -4.63 22.36 -17.28
N LYS B 107 -5.95 22.19 -17.29
CA LYS B 107 -6.60 21.04 -17.91
C LYS B 107 -7.33 21.48 -19.18
N SER B 108 -7.42 20.55 -20.13
CA SER B 108 -8.21 20.75 -21.34
C SER B 108 -9.06 19.51 -21.59
N TYR B 109 -9.90 19.61 -22.61
CA TYR B 109 -10.76 18.49 -23.03
C TYR B 109 -9.99 17.20 -23.35
N ARG B 110 -8.76 17.32 -23.85
CA ARG B 110 -7.93 16.13 -24.15
C ARG B 110 -7.53 15.34 -22.92
N ASP B 111 -7.55 15.97 -21.74
CA ASP B 111 -7.32 15.28 -20.46
C ASP B 111 -8.54 14.51 -19.93
N LEU B 112 -9.71 14.72 -20.54
CA LEU B 112 -10.96 14.11 -20.06
C LEU B 112 -11.41 12.95 -20.97
N PRO B 113 -12.00 11.89 -20.42
CA PRO B 113 -12.22 11.69 -18.98
C PRO B 113 -10.93 11.44 -18.19
N LEU B 114 -10.84 12.06 -17.03
CA LEU B 114 -9.73 11.86 -16.10
C LEU B 114 -10.28 11.06 -14.92
N ARG B 115 -9.80 9.83 -14.78
CA ARG B 115 -10.31 8.89 -13.78
C ARG B 115 -9.26 8.77 -12.68
N MET B 116 -9.62 9.22 -11.47
CA MET B 116 -8.64 9.34 -10.38
C MET B 116 -9.08 8.48 -9.20
N ALA B 117 -8.32 7.40 -8.93
CA ALA B 117 -8.62 6.48 -7.82
C ALA B 117 -7.71 6.67 -6.62
N GLU B 118 -8.17 6.22 -5.47
CA GLU B 118 -7.37 6.21 -4.24
C GLU B 118 -7.89 5.15 -3.29
N PHE B 119 -7.00 4.47 -2.59
CA PHE B 119 -7.37 3.67 -1.43
C PHE B 119 -7.39 4.66 -0.28
N GLY B 120 -8.58 5.23 -0.06
CA GLY B 120 -8.73 6.42 0.77
C GLY B 120 -8.99 6.08 2.22
N SER B 121 -8.07 6.49 3.09
CA SER B 121 -8.20 6.27 4.52
C SER B 121 -9.17 7.30 5.07
N CYS B 122 -10.35 6.84 5.47
CA CYS B 122 -11.43 7.72 5.91
C CYS B 122 -11.86 7.37 7.32
N HIS B 123 -12.35 8.39 8.02
CA HIS B 123 -12.84 8.22 9.39
C HIS B 123 -14.20 8.86 9.57
N ARG B 124 -15.05 8.15 10.30
CA ARG B 124 -16.41 8.58 10.61
C ARG B 124 -16.55 8.44 12.11
N ASN B 125 -16.99 9.51 12.78
CA ASN B 125 -17.23 9.43 14.22
C ASN B 125 -18.60 8.81 14.50
N GLU B 126 -18.71 7.50 14.25
CA GLU B 126 -19.93 6.73 14.46
C GLU B 126 -20.18 6.60 15.96
N PRO B 127 -21.45 6.61 16.41
CA PRO B 127 -21.72 6.19 17.79
C PRO B 127 -21.08 4.83 18.07
N SER B 128 -20.33 4.72 19.16
CA SER B 128 -19.53 3.52 19.45
C SER B 128 -20.39 2.28 19.68
N GLY B 129 -21.57 2.47 20.26
CA GLY B 129 -22.51 1.37 20.48
C GLY B 129 -23.04 0.71 19.21
N ALA B 130 -23.01 1.43 18.09
CA ALA B 130 -23.45 0.91 16.78
C ALA B 130 -22.39 0.10 16.02
N LEU B 131 -21.14 0.14 16.48
CA LEU B 131 -20.04 -0.54 15.79
C LEU B 131 -20.19 -2.04 15.95
N HIS B 132 -19.82 -2.80 14.92
CA HIS B 132 -19.77 -4.24 15.04
C HIS B 132 -18.81 -4.86 14.04
N GLY B 133 -17.91 -5.68 14.57
CA GLY B 133 -16.91 -6.39 13.78
C GLY B 133 -16.21 -5.52 12.76
N LEU B 134 -16.09 -6.05 11.55
CA LEU B 134 -15.54 -5.35 10.40
C LEU B 134 -16.63 -4.70 9.56
N MET B 135 -17.89 -4.92 9.91
CA MET B 135 -19.02 -4.48 9.09
C MET B 135 -19.42 -3.03 9.30
N ARG B 136 -19.30 -2.55 10.53
CA ARG B 136 -19.52 -1.14 10.83
C ARG B 136 -18.35 -0.67 11.68
N VAL B 137 -17.50 0.15 11.07
CA VAL B 137 -16.24 0.59 11.65
C VAL B 137 -16.16 2.12 11.66
N ARG B 138 -15.17 2.63 12.38
CA ARG B 138 -14.90 4.07 12.43
C ARG B 138 -13.81 4.48 11.44
N GLY B 139 -12.80 3.62 11.27
CA GLY B 139 -11.67 3.89 10.37
C GLY B 139 -11.72 2.86 9.27
N PHE B 140 -11.74 3.32 8.03
CA PHE B 140 -11.84 2.41 6.89
C PHE B 140 -11.06 2.90 5.68
N THR B 141 -10.95 2.01 4.70
CA THR B 141 -10.18 2.25 3.48
C THR B 141 -11.15 2.08 2.32
N GLN B 142 -11.56 3.20 1.73
CA GLN B 142 -12.53 3.17 0.64
C GLN B 142 -11.84 2.94 -0.69
N ASP B 143 -12.37 2.04 -1.50
CA ASP B 143 -11.87 1.84 -2.87
C ASP B 143 -12.53 2.89 -3.75
N ASP B 144 -12.07 4.12 -3.59
CA ASP B 144 -12.75 5.29 -4.13
C ASP B 144 -12.16 5.69 -5.47
N ALA B 145 -12.97 6.38 -6.27
CA ALA B 145 -12.45 7.09 -7.43
C ALA B 145 -13.42 8.17 -7.85
N HIS B 146 -12.89 9.18 -8.53
CA HIS B 146 -13.68 10.23 -9.14
C HIS B 146 -13.28 10.37 -10.60
N ILE B 147 -14.30 10.49 -11.46
CA ILE B 147 -14.09 10.69 -12.87
C ILE B 147 -14.50 12.14 -13.18
N PHE B 148 -13.57 12.89 -13.74
CA PHE B 148 -13.81 14.26 -14.21
C PHE B 148 -14.07 14.12 -15.70
N CYS B 149 -15.23 14.57 -16.16
CA CYS B 149 -15.57 14.40 -17.58
C CYS B 149 -16.50 15.51 -18.06
N THR B 150 -16.73 15.55 -19.37
CA THR B 150 -17.67 16.48 -19.96
C THR B 150 -19.09 15.93 -19.82
N GLU B 151 -20.08 16.80 -20.04
CA GLU B 151 -21.48 16.37 -20.04
C GLU B 151 -21.76 15.28 -21.06
N GLU B 152 -21.13 15.39 -22.22
CA GLU B 152 -21.31 14.44 -23.31
C GLU B 152 -20.70 13.08 -22.99
N GLN B 153 -19.67 13.06 -22.13
CA GLN B 153 -19.03 11.81 -21.69
C GLN B 153 -19.73 11.08 -20.54
N ILE B 154 -20.73 11.71 -19.90
CA ILE B 154 -21.43 11.09 -18.76
C ILE B 154 -21.93 9.69 -19.08
N ARG B 155 -22.61 9.54 -20.22
CA ARG B 155 -23.25 8.27 -20.54
C ARG B 155 -22.24 7.13 -20.60
N ASP B 156 -21.14 7.35 -21.33
CA ASP B 156 -20.12 6.31 -21.47
C ASP B 156 -19.42 6.02 -20.14
N GLU B 157 -19.13 7.07 -19.36
CA GLU B 157 -18.39 6.90 -18.10
C GLU B 157 -19.22 6.26 -16.98
N VAL B 158 -20.49 6.65 -16.86
CA VAL B 158 -21.41 5.96 -15.94
C VAL B 158 -21.56 4.49 -16.35
N ASN B 159 -21.71 4.24 -17.65
CA ASN B 159 -21.81 2.87 -18.18
C ASN B 159 -20.56 2.03 -17.79
N ALA B 160 -19.38 2.63 -17.90
CA ALA B 160 -18.12 1.95 -17.53
C ALA B 160 -18.07 1.61 -16.03
N CYS B 161 -18.51 2.54 -15.18
CA CYS B 161 -18.60 2.29 -13.74
C CYS B 161 -19.49 1.10 -13.42
N ILE B 162 -20.66 1.06 -14.06
CA ILE B 162 -21.59 -0.04 -13.87
C ILE B 162 -20.96 -1.37 -14.30
N ARG B 163 -20.32 -1.38 -15.47
CA ARG B 163 -19.59 -2.59 -15.90
C ARG B 163 -18.55 -3.01 -14.88
N MET B 164 -17.77 -2.04 -14.41
CA MET B 164 -16.73 -2.29 -13.40
C MET B 164 -17.30 -2.93 -12.13
N VAL B 165 -18.47 -2.45 -11.69
CA VAL B 165 -19.13 -2.99 -10.49
C VAL B 165 -19.44 -4.47 -10.62
N TYR B 166 -20.14 -4.85 -11.69
CA TYR B 166 -20.52 -6.24 -11.91
C TYR B 166 -19.31 -7.16 -12.15
N ASP B 167 -18.35 -6.63 -12.91
CA ASP B 167 -17.09 -7.33 -13.16
C ASP B 167 -16.42 -7.71 -11.83
N MET B 168 -16.25 -6.73 -10.96
CA MET B 168 -15.56 -6.97 -9.69
C MET B 168 -16.35 -7.90 -8.77
N TYR B 169 -17.68 -7.73 -8.66
CA TYR B 169 -18.46 -8.63 -7.80
C TYR B 169 -18.41 -10.07 -8.27
N SER B 170 -18.42 -10.26 -9.59
CA SER B 170 -18.38 -11.60 -10.17
C SER B 170 -17.10 -12.36 -9.86
N THR B 171 -16.00 -11.63 -9.68
CA THR B 171 -14.74 -12.26 -9.26
C THR B 171 -14.90 -13.07 -7.99
N PHE B 172 -15.74 -12.58 -7.06
CA PHE B 172 -15.92 -13.23 -5.76
C PHE B 172 -17.11 -14.18 -5.70
N GLY B 173 -17.81 -14.34 -6.83
CA GLY B 173 -18.95 -15.25 -6.94
C GLY B 173 -20.29 -14.61 -6.61
N PHE B 174 -20.32 -13.28 -6.48
CA PHE B 174 -21.54 -12.56 -6.15
C PHE B 174 -22.27 -12.19 -7.44
N GLU B 175 -23.32 -12.97 -7.73
CA GLU B 175 -24.15 -12.77 -8.92
C GLU B 175 -25.53 -12.20 -8.64
N LYS B 176 -26.03 -12.34 -7.41
CA LYS B 176 -27.32 -11.77 -7.03
C LYS B 176 -27.11 -10.35 -6.51
N ILE B 177 -27.50 -9.38 -7.34
CA ILE B 177 -27.31 -7.96 -7.08
C ILE B 177 -28.66 -7.26 -7.16
N VAL B 178 -28.94 -6.40 -6.19
CA VAL B 178 -30.15 -5.57 -6.19
C VAL B 178 -29.72 -4.10 -6.19
N VAL B 179 -30.44 -3.30 -6.96
CA VAL B 179 -30.04 -1.94 -7.28
C VAL B 179 -31.15 -0.93 -6.93
N LYS B 180 -30.73 0.18 -6.32
CA LYS B 180 -31.63 1.29 -5.98
C LYS B 180 -31.09 2.60 -6.53
N LEU B 181 -31.99 3.53 -6.87
CA LEU B 181 -31.60 4.86 -7.30
C LEU B 181 -32.11 5.88 -6.28
N SER B 182 -31.16 6.54 -5.61
CA SER B 182 -31.47 7.47 -4.52
C SER B 182 -31.50 8.90 -5.03
N THR B 183 -32.62 9.59 -4.83
CA THR B 183 -32.87 10.88 -5.46
C THR B 183 -32.75 12.03 -4.44
N ARG B 184 -32.95 13.27 -4.92
CA ARG B 184 -32.69 14.49 -4.13
C ARG B 184 -33.20 14.46 -2.68
N PRO B 185 -32.28 14.62 -1.70
CA PRO B 185 -32.71 14.70 -0.30
C PRO B 185 -33.16 16.11 0.05
N ASP B 186 -33.92 16.23 1.13
CA ASP B 186 -34.46 17.52 1.58
C ASP B 186 -33.35 18.57 1.78
N LYS B 187 -32.27 18.15 2.43
CA LYS B 187 -31.09 19.00 2.64
C LYS B 187 -30.05 18.66 1.57
N ARG B 188 -29.79 19.61 0.66
CA ARG B 188 -28.93 19.36 -0.49
C ARG B 188 -28.30 20.62 -1.04
N ILE B 189 -27.28 20.43 -1.88
CA ILE B 189 -26.66 21.51 -2.64
C ILE B 189 -26.93 21.31 -4.12
N GLY B 190 -26.75 22.37 -4.89
CA GLY B 190 -27.04 22.36 -6.32
C GLY B 190 -28.48 22.71 -6.63
N SER B 191 -28.71 23.16 -7.86
CA SER B 191 -30.03 23.59 -8.31
C SER B 191 -30.91 22.41 -8.73
N ASP B 192 -32.22 22.64 -8.79
CA ASP B 192 -33.16 21.59 -9.20
C ASP B 192 -32.90 21.06 -10.62
N GLU B 193 -32.46 21.93 -11.53
CA GLU B 193 -32.14 21.51 -12.91
C GLU B 193 -30.88 20.64 -12.98
N MET B 194 -29.91 20.90 -12.11
CA MET B 194 -28.75 19.99 -11.91
C MET B 194 -29.23 18.61 -11.46
N TRP B 195 -30.15 18.59 -10.50
CA TRP B 195 -30.70 17.33 -9.96
C TRP B 195 -31.60 16.58 -10.94
N ASP B 196 -32.38 17.33 -11.72
CA ASP B 196 -33.17 16.76 -12.82
C ASP B 196 -32.26 16.00 -13.78
N ARG B 197 -31.20 16.67 -14.22
CA ARG B 197 -30.19 16.12 -15.16
C ARG B 197 -29.51 14.89 -14.57
N ALA B 198 -28.97 15.02 -13.36
CA ALA B 198 -28.23 13.93 -12.71
C ALA B 198 -29.08 12.69 -12.47
N GLU B 199 -30.28 12.89 -11.93
CA GLU B 199 -31.22 11.78 -11.69
C GLU B 199 -31.59 11.09 -13.01
N ALA B 200 -31.90 11.90 -14.02
CA ALA B 200 -32.22 11.38 -15.35
C ALA B 200 -31.09 10.52 -15.95
N ASP B 201 -29.86 11.03 -15.87
CA ASP B 201 -28.69 10.31 -16.42
C ASP B 201 -28.46 8.95 -15.74
N LEU B 202 -28.59 8.91 -14.41
CA LEU B 202 -28.45 7.65 -13.70
C LEU B 202 -29.56 6.66 -14.03
N ALA B 203 -30.79 7.16 -14.16
CA ALA B 203 -31.90 6.32 -14.57
C ALA B 203 -31.70 5.72 -15.97
N VAL B 204 -31.29 6.55 -16.94
CA VAL B 204 -31.03 6.07 -18.31
C VAL B 204 -29.96 4.96 -18.31
N ALA B 205 -28.87 5.19 -17.57
CA ALA B 205 -27.83 4.17 -17.44
C ALA B 205 -28.37 2.81 -17.00
N LEU B 206 -29.24 2.83 -16.00
CA LEU B 206 -29.84 1.60 -15.50
C LEU B 206 -30.77 0.94 -16.53
N GLU B 207 -31.60 1.76 -17.21
CA GLU B 207 -32.51 1.26 -18.27
C GLU B 207 -31.69 0.58 -19.38
N GLU B 208 -30.64 1.26 -19.81
CA GLU B 208 -29.81 0.79 -20.94
C GLU B 208 -29.05 -0.49 -20.64
N ASN B 209 -28.72 -0.71 -19.37
CA ASN B 209 -28.04 -1.93 -18.92
C ASN B 209 -29.01 -3.02 -18.46
N ASN B 210 -30.32 -2.80 -18.66
CA ASN B 210 -31.37 -3.75 -18.28
C ASN B 210 -31.31 -4.11 -16.80
N ILE B 211 -30.98 -3.11 -15.97
CA ILE B 211 -30.86 -3.31 -14.55
C ILE B 211 -32.18 -2.86 -13.94
N PRO B 212 -32.98 -3.81 -13.41
CA PRO B 212 -34.19 -3.35 -12.72
C PRO B 212 -33.78 -2.62 -11.45
N PHE B 213 -34.54 -1.59 -11.10
CA PHE B 213 -34.26 -0.83 -9.89
C PHE B 213 -35.52 -0.25 -9.27
N GLU B 214 -35.43 0.11 -8.00
CA GLU B 214 -36.47 0.88 -7.32
C GLU B 214 -35.87 2.22 -6.93
N TYR B 215 -36.69 3.26 -6.95
CA TYR B 215 -36.30 4.56 -6.43
C TYR B 215 -36.29 4.54 -4.90
N GLN B 216 -35.31 5.24 -4.32
CA GLN B 216 -35.26 5.52 -2.89
C GLN B 216 -35.36 7.03 -2.75
N LEU B 217 -36.60 7.50 -2.61
CA LEU B 217 -36.87 8.92 -2.64
C LEU B 217 -36.26 9.62 -1.43
N GLY B 218 -35.55 10.72 -1.70
CA GLY B 218 -34.96 11.55 -0.66
C GLY B 218 -33.71 11.02 0.01
N GLU B 219 -33.13 9.93 -0.52
CA GLU B 219 -31.99 9.26 0.12
C GLU B 219 -30.66 9.51 -0.59
N GLY B 220 -30.68 10.38 -1.60
CA GLY B 220 -29.45 10.76 -2.29
C GLY B 220 -28.47 11.45 -1.36
N ALA B 221 -27.22 11.56 -1.81
CA ALA B 221 -26.23 12.31 -1.06
C ALA B 221 -26.53 13.80 -1.16
N PHE B 222 -26.06 14.59 -0.19
CA PHE B 222 -26.32 16.03 -0.25
C PHE B 222 -25.85 16.68 -1.57
N TYR B 223 -24.83 16.09 -2.20
CA TYR B 223 -24.19 16.63 -3.42
C TYR B 223 -24.63 15.95 -4.74
N GLY B 224 -25.38 14.85 -4.65
CA GLY B 224 -25.88 14.21 -5.86
C GLY B 224 -26.59 12.89 -5.65
N PRO B 225 -27.35 12.45 -6.69
CA PRO B 225 -28.05 11.18 -6.60
C PRO B 225 -27.08 10.01 -6.71
N LYS B 226 -27.54 8.84 -6.28
CA LYS B 226 -26.70 7.65 -6.17
C LYS B 226 -27.39 6.43 -6.74
N ILE B 227 -26.64 5.63 -7.50
CA ILE B 227 -27.02 4.25 -7.76
C ILE B 227 -26.34 3.43 -6.68
N GLU B 228 -27.12 2.65 -5.94
CA GLU B 228 -26.61 1.85 -4.82
C GLU B 228 -26.70 0.38 -5.19
N PHE B 229 -25.60 -0.35 -5.01
CA PHE B 229 -25.51 -1.76 -5.35
C PHE B 229 -25.44 -2.61 -4.10
N THR B 230 -26.39 -3.52 -3.97
CA THR B 230 -26.42 -4.48 -2.87
C THR B 230 -26.16 -5.87 -3.39
N LEU B 231 -25.15 -6.55 -2.83
CA LEU B 231 -24.90 -7.95 -3.16
C LEU B 231 -25.44 -8.86 -2.07
N TYR B 232 -25.68 -10.12 -2.45
CA TYR B 232 -26.21 -11.13 -1.54
C TYR B 232 -25.21 -12.26 -1.37
N ASP B 233 -24.93 -12.63 -0.13
CA ASP B 233 -23.97 -13.70 0.17
C ASP B 233 -24.67 -15.06 0.11
N CYS B 234 -23.93 -16.12 0.44
CA CYS B 234 -24.45 -17.48 0.36
C CYS B 234 -25.54 -17.82 1.38
N LEU B 235 -25.66 -17.01 2.44
CA LEU B 235 -26.80 -17.08 3.37
C LEU B 235 -27.98 -16.18 2.94
N ASP B 236 -27.88 -15.60 1.74
CA ASP B 236 -28.90 -14.68 1.22
C ASP B 236 -29.06 -13.40 2.05
N ARG B 237 -27.97 -12.96 2.69
CA ARG B 237 -27.95 -11.68 3.40
C ARG B 237 -27.55 -10.56 2.45
N ALA B 238 -28.20 -9.42 2.61
CA ALA B 238 -27.97 -8.25 1.76
C ALA B 238 -26.84 -7.42 2.33
N TRP B 239 -25.85 -7.10 1.49
CA TRP B 239 -24.77 -6.17 1.87
C TRP B 239 -24.69 -5.07 0.82
N GLN B 240 -25.06 -3.84 1.20
CA GLN B 240 -24.89 -2.69 0.32
C GLN B 240 -23.41 -2.36 0.29
N CYS B 241 -22.83 -2.37 -0.91
CA CYS B 241 -21.38 -2.18 -1.10
C CYS B 241 -21.01 -1.05 -2.04
N GLY B 242 -21.62 -1.06 -3.23
CA GLY B 242 -21.22 -0.17 -4.31
C GLY B 242 -22.08 1.07 -4.42
N THR B 243 -21.49 2.13 -4.94
CA THR B 243 -22.24 3.35 -5.19
C THR B 243 -21.66 4.06 -6.39
N VAL B 244 -22.53 4.62 -7.23
CA VAL B 244 -22.12 5.44 -8.38
C VAL B 244 -22.96 6.70 -8.30
N GLN B 245 -22.31 7.86 -8.28
CA GLN B 245 -22.98 9.14 -8.01
C GLN B 245 -22.59 10.17 -9.05
N LEU B 246 -23.51 11.07 -9.36
CA LEU B 246 -23.27 12.11 -10.34
C LEU B 246 -23.34 13.45 -9.61
N ASP B 247 -22.32 14.27 -9.80
CA ASP B 247 -22.10 15.47 -8.98
C ASP B 247 -21.77 16.66 -9.88
N PHE B 248 -22.74 17.57 -10.02
CA PHE B 248 -22.56 18.84 -10.73
C PHE B 248 -22.28 20.03 -9.79
N SER B 249 -22.02 19.79 -8.51
CA SER B 249 -21.91 20.86 -7.52
C SER B 249 -20.51 21.04 -6.97
N LEU B 250 -19.88 19.95 -6.51
CA LEU B 250 -18.53 20.04 -5.91
C LEU B 250 -17.47 20.67 -6.80
N PRO B 251 -17.40 20.28 -8.09
CA PRO B 251 -16.35 20.88 -8.93
C PRO B 251 -16.49 22.40 -9.09
N SER B 252 -17.74 22.89 -9.11
CA SER B 252 -18.02 24.32 -9.18
C SER B 252 -17.57 25.04 -7.90
N ARG B 253 -17.99 24.50 -6.75
CA ARG B 253 -17.62 25.04 -5.43
C ARG B 253 -16.12 25.10 -5.16
N LEU B 254 -15.36 24.17 -5.75
CA LEU B 254 -13.89 24.15 -5.62
C LEU B 254 -13.15 24.71 -6.83
N SER B 255 -13.86 25.43 -7.70
CA SER B 255 -13.26 26.16 -8.82
C SER B 255 -12.48 25.28 -9.80
N ALA B 256 -12.98 24.06 -10.03
CA ALA B 256 -12.43 23.18 -11.05
C ALA B 256 -12.86 23.64 -12.43
N SER B 257 -11.92 23.66 -13.37
CA SER B 257 -12.23 23.98 -14.76
C SER B 257 -11.25 23.35 -15.75
N TYR B 258 -11.68 23.32 -17.00
CA TYR B 258 -10.87 22.87 -18.12
C TYR B 258 -11.23 23.70 -19.36
N VAL B 259 -10.30 23.77 -20.31
CA VAL B 259 -10.53 24.44 -21.59
C VAL B 259 -11.17 23.44 -22.57
N GLY B 260 -12.39 23.73 -23.00
CA GLY B 260 -13.12 22.85 -23.92
C GLY B 260 -12.63 22.92 -25.35
N GLU B 261 -13.23 22.10 -26.22
CA GLU B 261 -12.95 22.14 -27.67
C GLU B 261 -13.23 23.52 -28.28
N ASP B 262 -14.29 24.17 -27.81
CA ASP B 262 -14.67 25.52 -28.26
C ASP B 262 -13.86 26.66 -27.62
N ASN B 263 -12.76 26.34 -26.94
CA ASN B 263 -11.91 27.31 -26.22
C ASN B 263 -12.58 28.05 -25.05
N GLU B 264 -13.80 27.66 -24.67
CA GLU B 264 -14.50 28.26 -23.54
C GLU B 264 -14.13 27.52 -22.26
N ARG B 265 -13.94 28.26 -21.18
CA ARG B 265 -13.64 27.67 -19.87
C ARG B 265 -14.89 27.00 -19.31
N LYS B 266 -14.75 25.73 -18.92
CA LYS B 266 -15.88 24.88 -18.56
C LYS B 266 -15.61 24.14 -17.24
N VAL B 267 -16.67 23.85 -16.50
CA VAL B 267 -16.58 23.09 -15.23
C VAL B 267 -16.79 21.60 -15.54
N PRO B 268 -15.89 20.73 -15.06
CA PRO B 268 -16.08 19.30 -15.31
C PRO B 268 -17.21 18.72 -14.46
N VAL B 269 -17.84 17.69 -15.00
CA VAL B 269 -18.80 16.87 -14.26
C VAL B 269 -17.94 15.93 -13.41
N MET B 270 -18.43 15.55 -12.23
CA MET B 270 -17.75 14.54 -11.41
C MET B 270 -18.64 13.33 -11.19
N ILE B 271 -18.11 12.15 -11.46
CA ILE B 271 -18.73 10.90 -11.08
C ILE B 271 -17.97 10.38 -9.87
N HIS B 272 -18.68 10.06 -8.80
CA HIS B 272 -18.10 9.40 -7.63
C HIS B 272 -18.40 7.93 -7.72
N ARG B 273 -17.45 7.04 -7.43
CA ARG B 273 -17.81 5.65 -7.24
C ARG B 273 -16.90 4.87 -6.32
N ALA B 274 -17.52 3.95 -5.60
CA ALA B 274 -16.81 2.92 -4.85
C ALA B 274 -17.54 1.61 -5.09
N ILE B 275 -16.81 0.52 -5.11
CA ILE B 275 -17.37 -0.77 -5.56
C ILE B 275 -17.40 -1.77 -4.40
N LEU B 276 -16.24 -2.03 -3.82
CA LEU B 276 -16.16 -2.86 -2.62
C LEU B 276 -16.76 -2.17 -1.40
N GLY B 277 -16.72 -0.83 -1.38
CA GLY B 277 -17.26 -0.03 -0.28
C GLY B 277 -16.15 0.36 0.67
N SER B 278 -15.68 -0.62 1.41
CA SER B 278 -14.40 -0.51 2.11
C SER B 278 -13.67 -1.82 2.09
N MET B 279 -12.35 -1.74 2.15
CA MET B 279 -11.52 -2.93 2.12
C MET B 279 -11.86 -3.79 3.35
N GLU B 280 -12.08 -3.13 4.48
CA GLU B 280 -12.27 -3.81 5.76
C GLU B 280 -13.59 -4.57 5.78
N ARG B 281 -14.67 -3.87 5.40
CA ARG B 281 -15.99 -4.49 5.37
C ARG B 281 -16.07 -5.59 4.32
N PHE B 282 -15.47 -5.36 3.16
CA PHE B 282 -15.49 -6.37 2.12
C PHE B 282 -14.73 -7.61 2.54
N ILE B 283 -13.59 -7.44 3.23
CA ILE B 283 -12.86 -8.58 3.77
C ILE B 283 -13.73 -9.36 4.77
N GLY B 284 -14.44 -8.63 5.63
CA GLY B 284 -15.41 -9.22 6.54
C GLY B 284 -16.45 -10.07 5.82
N ILE B 285 -17.04 -9.51 4.77
CA ILE B 285 -18.04 -10.21 3.94
C ILE B 285 -17.45 -11.47 3.31
N LEU B 286 -16.26 -11.34 2.71
CA LEU B 286 -15.57 -12.48 2.10
C LEU B 286 -15.23 -13.56 3.11
N THR B 287 -14.79 -13.15 4.30
CA THR B 287 -14.43 -14.11 5.33
C THR B 287 -15.64 -14.98 5.67
N GLU B 288 -16.80 -14.35 5.78
CA GLU B 288 -18.03 -15.10 6.03
C GLU B 288 -18.49 -15.89 4.81
N GLU B 289 -18.49 -15.28 3.63
CA GLU B 289 -18.88 -15.95 2.39
C GLU B 289 -18.15 -17.28 2.20
N PHE B 290 -16.83 -17.25 2.41
CA PHE B 290 -15.97 -18.44 2.24
C PHE B 290 -15.76 -19.24 3.53
N ALA B 291 -16.25 -18.74 4.67
CA ALA B 291 -16.01 -19.32 5.99
C ALA B 291 -14.52 -19.55 6.25
N GLY B 292 -13.70 -18.62 5.80
CA GLY B 292 -12.25 -18.71 5.93
C GLY B 292 -11.52 -19.54 4.87
N PHE B 293 -12.26 -20.25 4.02
CA PHE B 293 -11.68 -21.00 2.90
C PHE B 293 -11.49 -20.06 1.71
N PHE B 294 -10.53 -19.12 1.83
CA PHE B 294 -10.36 -18.12 0.80
C PHE B 294 -9.91 -18.76 -0.50
N PRO B 295 -10.39 -18.25 -1.65
CA PRO B 295 -9.83 -18.69 -2.93
C PRO B 295 -8.31 -18.62 -2.89
N THR B 296 -7.65 -19.48 -3.66
CA THR B 296 -6.20 -19.62 -3.55
C THR B 296 -5.46 -18.29 -3.69
N TRP B 297 -5.91 -17.45 -4.62
CA TRP B 297 -5.25 -16.15 -4.82
C TRP B 297 -5.26 -15.23 -3.60
N LEU B 298 -6.24 -15.40 -2.71
CA LEU B 298 -6.38 -14.64 -1.47
C LEU B 298 -5.81 -15.33 -0.24
N ALA B 299 -5.53 -16.62 -0.32
CA ALA B 299 -5.15 -17.40 0.88
C ALA B 299 -3.82 -16.89 1.46
N PRO B 300 -3.76 -16.65 2.78
CA PRO B 300 -2.49 -16.20 3.35
C PRO B 300 -1.29 -17.11 3.04
N VAL B 301 -1.48 -18.42 3.19
CA VAL B 301 -0.51 -19.43 2.79
C VAL B 301 -1.21 -20.31 1.78
N GLN B 302 -0.66 -20.40 0.58
CA GLN B 302 -1.28 -21.09 -0.55
C GLN B 302 -0.95 -22.58 -0.59
N VAL B 303 0.29 -22.92 -0.23
CA VAL B 303 0.78 -24.30 -0.27
C VAL B 303 1.63 -24.60 0.95
N VAL B 304 1.45 -25.78 1.52
CA VAL B 304 2.41 -26.34 2.47
C VAL B 304 2.98 -27.62 1.86
N VAL B 305 4.32 -27.72 1.86
CA VAL B 305 5.01 -28.88 1.33
C VAL B 305 5.55 -29.64 2.54
N MET B 306 5.31 -30.94 2.59
CA MET B 306 5.73 -31.70 3.77
C MET B 306 6.38 -33.04 3.44
N ASN B 307 7.29 -33.44 4.31
CA ASN B 307 7.95 -34.75 4.23
C ASN B 307 7.21 -35.77 5.07
N ILE B 308 7.59 -37.04 4.89
CA ILE B 308 7.12 -38.14 5.74
C ILE B 308 8.17 -38.37 6.84
N THR B 309 9.43 -38.53 6.43
CA THR B 309 10.57 -38.60 7.34
C THR B 309 11.63 -37.63 6.85
N ASP B 310 12.73 -37.48 7.61
CA ASP B 310 13.81 -36.59 7.17
C ASP B 310 14.55 -37.04 5.89
N SER B 311 14.30 -38.28 5.45
CA SER B 311 14.76 -38.78 4.14
C SER B 311 14.35 -37.90 2.96
N GLN B 312 13.16 -37.28 3.02
CA GLN B 312 12.69 -36.39 1.94
C GLN B 312 12.88 -34.90 2.22
N SER B 313 13.59 -34.53 3.29
CA SER B 313 13.72 -33.13 3.70
C SER B 313 14.39 -32.25 2.66
N GLU B 314 15.46 -32.76 2.04
CA GLU B 314 16.21 -31.99 1.04
C GLU B 314 15.36 -31.74 -0.20
N TYR B 315 14.61 -32.75 -0.62
CA TYR B 315 13.66 -32.64 -1.73
C TYR B 315 12.54 -31.61 -1.44
N VAL B 316 12.00 -31.65 -0.21
CA VAL B 316 10.95 -30.70 0.21
C VAL B 316 11.46 -29.26 0.21
N ASN B 317 12.63 -29.03 0.80
CA ASN B 317 13.26 -27.69 0.80
C ASN B 317 13.47 -27.15 -0.61
N GLU B 318 13.93 -28.02 -1.51
CA GLU B 318 14.13 -27.67 -2.93
C GLU B 318 12.79 -27.35 -3.61
N LEU B 319 11.78 -28.19 -3.35
CA LEU B 319 10.46 -27.99 -3.93
C LEU B 319 9.81 -26.70 -3.40
N THR B 320 9.99 -26.44 -2.10
CA THR B 320 9.52 -25.20 -1.49
C THR B 320 10.15 -23.98 -2.15
N GLN B 321 11.45 -24.06 -2.43
CA GLN B 321 12.14 -22.98 -3.14
C GLN B 321 11.61 -22.76 -4.56
N LYS B 322 11.33 -23.84 -5.29
CA LYS B 322 10.75 -23.73 -6.64
C LYS B 322 9.37 -23.06 -6.64
N LEU B 323 8.53 -23.43 -5.69
CA LEU B 323 7.20 -22.82 -5.54
C LEU B 323 7.31 -21.32 -5.24
N GLN B 324 8.21 -20.97 -4.32
CA GLN B 324 8.46 -19.56 -4.01
C GLN B 324 8.97 -18.77 -5.22
N ASN B 325 9.81 -19.40 -6.05
CA ASN B 325 10.28 -18.79 -7.31
C ASN B 325 9.17 -18.59 -8.34
N ALA B 326 8.14 -19.45 -8.31
CA ALA B 326 6.95 -19.31 -9.16
C ALA B 326 5.94 -18.26 -8.64
N GLY B 327 6.28 -17.56 -7.55
CA GLY B 327 5.44 -16.52 -6.97
C GLY B 327 4.40 -17.00 -5.96
N ILE B 328 4.55 -18.23 -5.46
CA ILE B 328 3.54 -18.85 -4.59
C ILE B 328 3.91 -18.67 -3.12
N ARG B 329 2.89 -18.37 -2.30
CA ARG B 329 3.08 -18.23 -0.86
C ARG B 329 3.10 -19.62 -0.25
N VAL B 330 4.29 -20.07 0.12
CA VAL B 330 4.53 -21.47 0.47
C VAL B 330 5.38 -21.59 1.73
N LYS B 331 5.15 -22.64 2.51
CA LYS B 331 6.08 -23.02 3.57
C LYS B 331 6.31 -24.53 3.59
N ALA B 332 7.45 -24.93 4.14
CA ALA B 332 7.79 -26.34 4.32
C ALA B 332 7.41 -26.77 5.72
N ASP B 333 6.88 -28.00 5.85
CA ASP B 333 6.63 -28.60 7.16
C ASP B 333 7.45 -29.88 7.24
N LEU B 334 8.64 -29.76 7.85
CA LEU B 334 9.58 -30.88 8.01
C LEU B 334 9.51 -31.55 9.38
N ARG B 335 8.49 -31.23 10.18
CA ARG B 335 8.38 -31.75 11.54
C ARG B 335 8.31 -33.28 11.58
N ASN B 336 8.75 -33.84 12.70
CA ASN B 336 8.60 -35.26 12.96
C ASN B 336 7.24 -35.51 13.59
N GLU B 337 6.22 -35.43 12.74
CA GLU B 337 4.83 -35.68 13.11
C GLU B 337 4.23 -36.59 12.06
N LYS B 338 3.18 -37.33 12.44
CA LYS B 338 2.47 -38.20 11.52
C LYS B 338 1.84 -37.36 10.41
N ILE B 339 1.79 -37.93 9.21
CA ILE B 339 1.24 -37.19 8.06
C ILE B 339 -0.21 -36.72 8.29
N GLY B 340 -1.02 -37.52 8.96
CA GLY B 340 -2.41 -37.14 9.28
C GLY B 340 -2.52 -36.02 10.28
N PHE B 341 -1.51 -35.90 11.15
CA PHE B 341 -1.38 -34.78 12.08
C PHE B 341 -1.05 -33.50 11.31
N LYS B 342 -0.07 -33.58 10.42
CA LYS B 342 0.35 -32.43 9.59
C LYS B 342 -0.77 -31.94 8.70
N ILE B 343 -1.38 -32.87 7.97
CA ILE B 343 -2.46 -32.53 7.05
C ILE B 343 -3.60 -31.85 7.80
N ARG B 344 -3.92 -32.33 9.00
CA ARG B 344 -5.01 -31.72 9.75
C ARG B 344 -4.69 -30.28 10.13
N GLU B 345 -3.46 -30.04 10.59
CA GLU B 345 -3.10 -28.69 11.02
C GLU B 345 -3.24 -27.68 9.89
N HIS B 346 -2.80 -28.05 8.69
CA HIS B 346 -2.84 -27.13 7.55
C HIS B 346 -4.24 -27.02 6.95
N THR B 347 -5.04 -28.09 7.09
CA THR B 347 -6.46 -28.06 6.70
C THR B 347 -7.24 -27.13 7.64
N LEU B 348 -6.96 -27.23 8.94
CA LEU B 348 -7.55 -26.33 9.93
C LEU B 348 -7.20 -24.87 9.66
N ARG B 349 -5.97 -24.61 9.21
CA ARG B 349 -5.51 -23.27 8.82
C ARG B 349 -5.99 -22.83 7.44
N ARG B 350 -6.75 -23.69 6.75
CA ARG B 350 -7.38 -23.37 5.47
C ARG B 350 -6.38 -23.17 4.34
N VAL B 351 -5.28 -23.91 4.39
CA VAL B 351 -4.29 -23.89 3.32
C VAL B 351 -4.88 -24.63 2.11
N PRO B 352 -4.97 -23.96 0.94
CA PRO B 352 -5.57 -24.61 -0.23
C PRO B 352 -4.99 -25.98 -0.57
N TYR B 353 -3.66 -26.09 -0.62
CA TYR B 353 -3.00 -27.28 -1.14
C TYR B 353 -1.92 -27.80 -0.22
N MET B 354 -1.94 -29.10 -0.01
CA MET B 354 -0.94 -29.78 0.79
C MET B 354 -0.17 -30.71 -0.13
N LEU B 355 1.12 -30.45 -0.23
CA LEU B 355 2.02 -31.18 -1.13
C LEU B 355 2.86 -32.11 -0.26
N VAL B 356 2.72 -33.41 -0.50
CA VAL B 356 3.34 -34.42 0.35
C VAL B 356 4.40 -35.17 -0.46
N CYS B 357 5.56 -35.34 0.16
CA CYS B 357 6.71 -35.97 -0.49
C CYS B 357 7.17 -37.16 0.34
N GLY B 358 6.84 -38.36 -0.14
CA GLY B 358 7.41 -39.61 0.34
C GLY B 358 8.51 -40.05 -0.58
N ASP B 359 9.12 -41.21 -0.28
CA ASP B 359 10.23 -41.74 -1.09
C ASP B 359 9.86 -41.90 -2.57
N LYS B 360 8.66 -42.40 -2.82
CA LYS B 360 8.15 -42.60 -4.18
C LYS B 360 8.10 -41.30 -5.01
N GLU B 361 7.77 -40.19 -4.34
CA GLU B 361 7.70 -38.87 -4.98
C GLU B 361 9.09 -38.32 -5.30
N VAL B 362 10.02 -38.49 -4.36
CA VAL B 362 11.42 -38.07 -4.50
C VAL B 362 12.07 -38.77 -5.71
N GLU B 363 11.90 -40.08 -5.78
CA GLU B 363 12.41 -40.91 -6.90
C GLU B 363 11.88 -40.46 -8.28
N ALA B 364 10.59 -40.13 -8.36
CA ALA B 364 9.92 -39.86 -9.64
C ALA B 364 9.86 -38.39 -10.06
N GLY B 365 10.40 -37.49 -9.25
CA GLY B 365 10.27 -36.04 -9.47
C GLY B 365 8.83 -35.58 -9.42
N LYS B 366 8.06 -36.18 -8.50
CA LYS B 366 6.63 -35.94 -8.39
C LYS B 366 6.29 -35.41 -6.99
N VAL B 367 5.01 -35.11 -6.78
CA VAL B 367 4.50 -34.66 -5.50
C VAL B 367 3.05 -35.10 -5.36
N ALA B 368 2.68 -35.57 -4.17
CA ALA B 368 1.31 -36.00 -3.89
C ALA B 368 0.52 -34.79 -3.42
N VAL B 369 -0.59 -34.50 -4.09
CA VAL B 369 -1.35 -33.26 -3.85
C VAL B 369 -2.70 -33.57 -3.21
N ARG B 370 -2.96 -32.95 -2.06
CA ARG B 370 -4.25 -33.02 -1.39
C ARG B 370 -4.80 -31.61 -1.22
N THR B 371 -6.11 -31.46 -1.37
CA THR B 371 -6.77 -30.16 -1.16
C THR B 371 -7.34 -30.06 0.24
N ARG B 372 -7.55 -28.84 0.71
CA ARG B 372 -8.17 -28.62 2.02
C ARG B 372 -9.62 -29.13 2.13
N ARG B 373 -10.27 -29.38 1.00
CA ARG B 373 -11.61 -29.98 0.97
C ARG B 373 -11.59 -31.51 1.07
N GLY B 374 -10.40 -32.11 1.13
CA GLY B 374 -10.24 -33.55 1.36
C GLY B 374 -10.06 -34.39 0.10
N LYS B 375 -9.82 -33.75 -1.04
CA LYS B 375 -9.64 -34.44 -2.31
C LYS B 375 -8.18 -34.86 -2.50
N ASP B 376 -7.94 -36.15 -2.71
CA ASP B 376 -6.61 -36.66 -3.04
C ASP B 376 -6.45 -36.62 -4.56
N LEU B 377 -5.60 -35.71 -5.04
CA LEU B 377 -5.36 -35.55 -6.49
C LEU B 377 -4.29 -36.50 -7.03
N GLY B 378 -3.65 -37.28 -6.16
CA GLY B 378 -2.67 -38.28 -6.56
C GLY B 378 -1.28 -37.69 -6.70
N SER B 379 -0.35 -38.53 -7.15
CA SER B 379 1.03 -38.13 -7.40
C SER B 379 1.15 -37.53 -8.79
N LEU B 380 1.65 -36.31 -8.87
CA LEU B 380 1.69 -35.54 -10.11
C LEU B 380 3.08 -34.95 -10.35
N ASP B 381 3.40 -34.71 -11.61
CA ASP B 381 4.67 -34.10 -11.99
C ASP B 381 4.76 -32.69 -11.38
N VAL B 382 5.89 -32.38 -10.74
CA VAL B 382 6.09 -31.12 -10.03
C VAL B 382 5.84 -29.89 -10.92
N ASN B 383 6.40 -29.89 -12.12
CA ASN B 383 6.22 -28.76 -13.05
C ASN B 383 4.77 -28.57 -13.51
N ASP B 384 4.04 -29.66 -13.72
CA ASP B 384 2.61 -29.60 -14.05
C ASP B 384 1.80 -29.01 -12.89
N VAL B 385 2.13 -29.42 -11.66
CA VAL B 385 1.48 -28.87 -10.46
C VAL B 385 1.75 -27.38 -10.31
N ILE B 386 3.01 -26.96 -10.46
CA ILE B 386 3.36 -25.53 -10.33
C ILE B 386 2.62 -24.71 -11.38
N GLU B 387 2.61 -25.17 -12.63
CA GLU B 387 1.89 -24.47 -13.70
C GLU B 387 0.39 -24.35 -13.43
N LYS B 388 -0.22 -25.43 -12.94
CA LYS B 388 -1.67 -25.43 -12.63
C LYS B 388 -2.00 -24.48 -11.48
N LEU B 389 -1.16 -24.47 -10.45
CA LEU B 389 -1.30 -23.53 -9.34
C LEU B 389 -1.13 -22.08 -9.77
N GLN B 390 -0.11 -21.82 -10.60
CA GLN B 390 0.11 -20.47 -11.13
C GLN B 390 -1.12 -19.95 -11.88
N GLN B 391 -1.71 -20.80 -12.72
CA GLN B 391 -2.89 -20.41 -13.47
C GLN B 391 -4.08 -20.12 -12.55
N GLU B 392 -4.30 -21.02 -11.58
CA GLU B 392 -5.37 -20.82 -10.60
C GLU B 392 -5.22 -19.48 -9.87
N ILE B 393 -3.99 -19.18 -9.48
CA ILE B 393 -3.70 -17.95 -8.76
C ILE B 393 -3.83 -16.73 -9.67
N ARG B 394 -3.16 -16.76 -10.82
CA ARG B 394 -3.12 -15.59 -11.71
C ARG B 394 -4.48 -15.26 -12.32
N SER B 395 -5.29 -16.30 -12.56
CA SER B 395 -6.66 -16.12 -13.08
C SER B 395 -7.67 -15.79 -11.96
N ARG B 396 -7.22 -15.79 -10.71
CA ARG B 396 -8.06 -15.57 -9.54
C ARG B 396 -9.29 -16.49 -9.53
N SER B 397 -9.04 -17.77 -9.79
CA SER B 397 -10.11 -18.76 -9.83
C SER B 397 -10.74 -18.97 -8.44
N LEU B 398 -12.06 -19.10 -8.44
CA LEU B 398 -12.82 -19.53 -7.25
C LEU B 398 -12.70 -21.02 -6.99
N GLN B 399 -12.34 -21.78 -8.03
CA GLN B 399 -12.26 -23.25 -7.96
C GLN B 399 -10.83 -23.72 -7.76
N GLN B 400 -10.66 -24.71 -6.89
CA GLN B 400 -9.41 -25.47 -6.80
C GLN B 400 -9.38 -26.57 -7.86
N LEU B 401 -8.22 -27.19 -8.05
CA LEU B 401 -8.03 -28.24 -9.06
C LEU B 401 -8.97 -29.41 -8.77
N GLU B 402 -9.66 -29.89 -9.80
CA GLU B 402 -10.62 -30.99 -9.68
C GLU B 402 -10.12 -32.20 -10.47
#